data_7CI2
#
_entry.id   7CI2
#
_cell.length_a   90.816
_cell.length_b   90.816
_cell.length_c   137.679
_cell.angle_alpha   90.000
_cell.angle_beta   90.000
_cell.angle_gamma   120.000
#
_symmetry.space_group_name_H-M   'P 31'
#
loop_
_entity.id
_entity.type
_entity.pdbx_description
1 polymer AcrVA2
2 polymer MbCpf1
3 water water
#
loop_
_entity_poly.entity_id
_entity_poly.type
_entity_poly.pdbx_seq_one_letter_code
_entity_poly.pdbx_strand_id
1 'polypeptide(L)'
;SMHHTIARMNAFNKAFANAKDCYKKMQAWHLLNKPKHAFFPMQNTPALDNGLAALYELRGGKEDAHILSILSRLYLYGAW
RNTLGIYQLDEEIIKDCKELPDDTPTSIFLNLPDWCVYVDISSAQIATFDDGVAKHIKGFWAIYDIVEMNGINHDVLDFV
VDTDTDDNVYVPQPFILSSGQSVAEVLDYGASLFDDDTSNTLIKGLLPYLLWLCVAEPDITYKGLPVSREELTRPKHSIN
KKTGAFVTPSEPFIYQIGERLGSEVRRYQSIIDGEQKRNRPHTKRPHIRRGHWHGYWQGTGQAKEFRVRWQPAVFVNSGR
VSS
;
A,B
2 'polypeptide(L)' NTGKSVYQKMIYKLLPGPNKMLPKVFFAKSNLD C,D
#
# COMPACT_ATOMS: atom_id res chain seq x y z
N SER A 1 12.63 -6.14 7.38
CA SER A 1 11.36 -6.07 6.74
C SER A 1 10.51 -4.98 7.29
N MET A 2 10.90 -4.45 8.43
CA MET A 2 10.25 -3.38 9.06
C MET A 2 11.26 -2.35 9.03
N HIS A 3 10.94 -1.18 8.50
CA HIS A 3 11.79 -0.01 8.39
C HIS A 3 12.36 0.42 9.69
N HIS A 4 13.55 0.98 9.63
CA HIS A 4 14.21 1.43 10.84
C HIS A 4 13.51 2.61 11.52
N THR A 5 12.93 3.52 10.74
CA THR A 5 12.26 4.66 11.33
C THR A 5 11.09 4.20 12.19
N ILE A 6 10.32 3.25 11.66
CA ILE A 6 9.18 2.72 12.37
C ILE A 6 9.63 1.99 13.63
N ALA A 7 10.72 1.26 13.52
CA ALA A 7 11.26 0.51 14.65
C ALA A 7 11.70 1.44 15.76
N ARG A 8 12.30 2.58 15.39
CA ARG A 8 12.79 3.52 16.38
C ARG A 8 11.66 4.34 16.98
N MET A 9 10.60 4.54 16.20
CA MET A 9 9.47 5.29 16.68
C MET A 9 8.71 4.37 17.61
N ASN A 10 8.65 3.09 17.28
CA ASN A 10 7.95 2.18 18.12
C ASN A 10 8.64 1.97 19.42
N ALA A 11 9.94 2.10 19.41
CA ALA A 11 10.77 2.02 20.54
C ALA A 11 10.60 3.18 21.42
N PHE A 12 10.51 4.35 20.85
CA PHE A 12 10.35 5.55 21.60
C PHE A 12 9.06 5.55 22.30
N ASN A 13 8.01 5.22 21.59
CA ASN A 13 6.67 5.20 22.17
C ASN A 13 6.61 4.25 23.36
N LYS A 14 7.33 3.13 23.29
CA LYS A 14 7.41 2.20 24.41
C LYS A 14 8.13 2.82 25.60
N ALA A 15 9.30 3.42 25.36
CA ALA A 15 10.16 3.87 26.44
C ALA A 15 9.65 5.14 27.13
N PHE A 16 8.90 5.97 26.41
CA PHE A 16 8.29 7.16 26.96
C PHE A 16 6.78 6.89 26.97
N ALA A 17 6.33 6.15 27.99
CA ALA A 17 4.99 5.57 28.02
C ALA A 17 3.88 6.60 27.83
N ASN A 18 4.17 7.88 28.07
CA ASN A 18 3.19 8.95 27.90
C ASN A 18 3.05 9.39 26.45
N ALA A 19 3.63 8.66 25.51
CA ALA A 19 3.66 9.13 24.13
C ALA A 19 2.27 9.17 23.51
N LYS A 20 1.53 8.05 23.62
CA LYS A 20 0.19 7.97 23.05
C LYS A 20 -0.71 9.06 23.62
N ASP A 21 -0.65 9.27 24.94
CA ASP A 21 -1.36 10.38 25.58
C ASP A 21 -1.04 11.71 24.91
N CYS A 22 0.26 11.98 24.72
CA CYS A 22 0.65 13.25 24.14
C CYS A 22 0.14 13.39 22.72
N TYR A 23 0.01 12.32 21.99
CA TYR A 23 -0.45 12.41 20.61
C TYR A 23 -1.88 12.74 20.57
N LYS A 24 -2.64 12.19 21.51
CA LYS A 24 -4.06 12.50 21.64
C LYS A 24 -4.34 13.95 21.94
N LYS A 25 -3.56 14.53 22.82
CA LYS A 25 -3.62 15.91 23.15
C LYS A 25 -3.31 16.78 21.98
N MET A 26 -2.33 16.38 21.18
CA MET A 26 -1.94 17.06 19.99
C MET A 26 -3.06 17.03 19.00
N GLN A 27 -3.72 15.89 18.91
CA GLN A 27 -4.86 15.67 18.06
C GLN A 27 -5.98 16.57 18.48
N ALA A 28 -6.20 16.70 19.75
CA ALA A 28 -7.22 17.59 20.27
C ALA A 28 -6.93 18.99 19.93
N TRP A 29 -5.70 19.44 20.10
CA TRP A 29 -5.30 20.79 19.78
C TRP A 29 -5.48 21.03 18.30
N HIS A 30 -5.17 20.05 17.46
CA HIS A 30 -5.30 20.17 16.04
C HIS A 30 -6.68 20.40 15.66
N LEU A 31 -7.58 19.55 16.13
CA LEU A 31 -8.98 19.66 15.73
C LEU A 31 -9.59 20.99 16.16
N LEU A 32 -9.17 21.51 17.30
CA LEU A 32 -9.72 22.79 17.73
C LEU A 32 -9.12 23.97 16.97
N ASN A 33 -7.80 24.02 16.88
CA ASN A 33 -7.12 25.21 16.38
C ASN A 33 -7.04 25.24 14.86
N LYS A 34 -7.29 24.09 14.23
CA LYS A 34 -7.29 23.93 12.77
C LYS A 34 -6.19 24.69 12.04
N PRO A 35 -4.93 24.32 12.29
CA PRO A 35 -3.80 24.98 11.63
C PRO A 35 -3.82 24.75 10.13
N LYS A 36 -3.34 25.72 9.38
CA LYS A 36 -3.46 25.58 7.93
C LYS A 36 -2.35 24.70 7.36
N HIS A 37 -1.12 24.88 7.79
CA HIS A 37 0.01 24.15 7.28
C HIS A 37 0.60 23.15 8.22
N ALA A 38 0.78 23.51 9.47
CA ALA A 38 1.31 22.60 10.47
C ALA A 38 0.22 21.67 10.97
N PHE A 39 0.60 20.77 11.88
CA PHE A 39 -0.33 19.91 12.58
C PHE A 39 -0.37 20.19 14.07
N PHE A 40 0.75 20.64 14.63
CA PHE A 40 0.90 20.94 16.04
C PHE A 40 2.23 21.65 16.25
N PRO A 41 2.25 22.86 16.79
CA PRO A 41 3.47 23.64 16.85
C PRO A 41 4.47 23.05 17.83
N MET A 42 5.75 23.24 17.50
CA MET A 42 6.76 22.74 18.41
C MET A 42 6.76 23.49 19.73
N GLN A 43 6.40 24.74 19.69
CA GLN A 43 6.39 25.53 20.86
C GLN A 43 5.56 24.99 22.02
N ASN A 44 4.45 24.45 21.65
CA ASN A 44 3.44 23.92 22.54
C ASN A 44 3.81 22.57 23.15
N THR A 45 4.98 22.01 22.83
CA THR A 45 5.30 20.66 23.30
C THR A 45 5.50 20.52 24.81
N PRO A 46 5.88 21.56 25.56
CA PRO A 46 5.86 21.42 27.03
C PRO A 46 4.48 21.13 27.58
N ALA A 47 3.43 21.64 26.94
CA ALA A 47 2.07 21.43 27.42
C ALA A 47 1.69 19.95 27.47
N LEU A 48 2.28 19.14 26.60
CA LEU A 48 1.82 17.77 26.43
C LEU A 48 2.06 16.93 27.68
N ASP A 49 3.21 17.06 28.31
CA ASP A 49 3.50 16.33 29.54
C ASP A 49 3.90 17.31 30.63
N ASN A 50 3.39 17.07 31.84
CA ASN A 50 3.64 17.97 32.96
C ASN A 50 5.01 17.73 33.58
N GLY A 51 5.45 16.47 33.65
CA GLY A 51 6.79 16.20 34.14
C GLY A 51 7.86 16.80 33.25
N LEU A 52 7.62 16.80 31.94
CA LEU A 52 8.57 17.40 31.01
C LEU A 52 8.67 18.90 31.21
N ALA A 53 7.53 19.57 31.44
CA ALA A 53 7.58 21.00 31.74
C ALA A 53 8.27 21.26 33.07
N ALA A 54 8.01 20.40 34.06
CA ALA A 54 8.63 20.56 35.38
C ALA A 54 10.15 20.43 35.29
N LEU A 55 10.64 19.51 34.46
CA LEU A 55 12.08 19.32 34.30
C LEU A 55 12.69 20.24 33.25
N TYR A 56 11.87 20.87 32.42
CA TYR A 56 12.30 21.80 31.38
C TYR A 56 12.35 23.24 31.87
N GLU A 57 11.59 23.56 32.92
CA GLU A 57 11.63 24.90 33.53
C GLU A 57 12.56 25.01 34.74
N LEU A 58 13.22 23.92 35.17
CA LEU A 58 14.41 24.13 35.99
C LEU A 58 15.49 24.77 35.14
N ARG A 59 16.39 25.50 35.80
CA ARG A 59 17.61 25.90 35.12
C ARG A 59 18.33 24.63 34.69
N GLY A 60 18.35 24.36 33.39
CA GLY A 60 18.79 23.08 32.91
C GLY A 60 17.76 22.43 32.01
N GLY A 61 16.74 23.21 31.61
CA GLY A 61 15.73 22.72 30.70
C GLY A 61 16.15 22.90 29.25
N LYS A 62 16.70 24.08 28.97
CA LYS A 62 17.19 24.35 27.63
C LYS A 62 18.65 23.89 27.56
N GLU A 63 19.15 23.44 28.69
CA GLU A 63 20.48 22.87 28.81
C GLU A 63 20.48 21.35 28.68
N ASP A 64 19.39 20.70 29.10
CA ASP A 64 19.23 19.27 28.95
C ASP A 64 18.72 18.96 27.55
N ALA A 65 19.55 18.32 26.73
CA ALA A 65 19.17 17.96 25.37
C ALA A 65 18.33 16.69 25.31
N HIS A 66 18.23 15.93 26.41
CA HIS A 66 17.38 14.74 26.42
C HIS A 66 15.90 15.12 26.46
N ILE A 67 15.56 16.15 27.23
CA ILE A 67 14.21 16.69 27.22
C ILE A 67 13.86 17.25 25.85
N LEU A 68 14.78 17.99 25.24
CA LEU A 68 14.53 18.49 23.90
C LEU A 68 14.41 17.35 22.89
N SER A 69 15.15 16.26 23.11
CA SER A 69 14.96 15.06 22.30
C SER A 69 13.53 14.56 22.40
N ILE A 70 13.04 14.40 23.63
CA ILE A 70 11.67 13.93 23.85
C ILE A 70 10.67 14.85 23.15
N LEU A 71 10.80 16.16 23.36
CA LEU A 71 9.84 17.10 22.79
C LEU A 71 9.89 17.08 21.28
N SER A 72 11.10 17.04 20.70
CA SER A 72 11.24 17.01 19.25
C SER A 72 10.58 15.78 18.67
N ARG A 73 10.77 14.63 19.31
CA ARG A 73 10.19 13.41 18.77
C ARG A 73 8.69 13.34 18.99
N LEU A 74 8.17 13.91 20.09
CA LEU A 74 6.73 14.06 20.22
C LEU A 74 6.17 14.89 19.08
N TYR A 75 6.74 16.08 18.87
CA TYR A 75 6.31 16.97 17.80
C TYR A 75 6.35 16.29 16.45
N LEU A 76 7.42 15.52 16.19
CA LEU A 76 7.61 14.89 14.89
C LEU A 76 6.70 13.68 14.70
N TYR A 77 6.78 12.72 15.62
CA TYR A 77 5.97 11.52 15.52
C TYR A 77 4.48 11.84 15.51
N GLY A 78 4.03 12.76 16.37
CA GLY A 78 2.62 13.10 16.41
C GLY A 78 2.08 13.51 15.06
N ALA A 79 2.83 14.31 14.31
CA ALA A 79 2.39 14.68 12.96
C ALA A 79 2.60 13.54 11.98
N TRP A 80 3.67 12.78 12.14
CA TRP A 80 4.06 11.84 11.11
C TRP A 80 3.26 10.54 11.17
N ARG A 81 2.82 10.13 12.35
CA ARG A 81 2.15 8.84 12.47
CA ARG A 81 2.14 8.85 12.48
C ARG A 81 0.76 8.83 11.84
N ASN A 82 0.22 10.00 11.50
CA ASN A 82 -1.08 10.07 10.84
C ASN A 82 -1.00 9.65 9.37
N THR A 83 0.22 9.78 8.76
CA THR A 83 0.34 9.47 7.35
C THR A 83 1.42 8.43 7.06
N LEU A 84 2.55 8.48 7.77
CA LEU A 84 3.63 7.49 7.63
C LEU A 84 4.13 7.37 6.20
N GLY A 85 4.40 8.52 5.57
CA GLY A 85 4.91 8.55 4.22
C GLY A 85 6.42 8.49 4.12
N ILE A 86 6.92 7.46 3.44
CA ILE A 86 8.34 7.26 3.18
C ILE A 86 8.55 7.34 1.67
N TYR A 87 9.39 8.28 1.23
CA TYR A 87 9.61 8.55 -0.19
C TYR A 87 11.06 8.23 -0.52
N GLN A 88 11.29 7.10 -1.19
CA GLN A 88 12.63 6.65 -1.54
C GLN A 88 13.02 7.25 -2.88
N LEU A 89 14.09 8.05 -2.92
CA LEU A 89 14.45 8.61 -4.21
C LEU A 89 15.34 7.66 -4.98
N ASP A 90 15.22 7.65 -6.30
CA ASP A 90 16.00 6.72 -7.13
C ASP A 90 17.42 7.12 -7.25
N GLU A 91 18.30 6.16 -7.40
CA GLU A 91 19.74 6.37 -7.58
C GLU A 91 20.01 7.46 -8.62
N GLU A 92 19.57 7.23 -9.85
CA GLU A 92 19.88 8.05 -11.00
C GLU A 92 19.15 9.39 -10.99
N ILE A 93 18.56 9.49 -9.87
CA ILE A 93 18.05 10.82 -9.70
C ILE A 93 18.72 11.57 -8.56
N ILE A 94 19.07 10.80 -7.55
CA ILE A 94 19.79 11.42 -6.43
C ILE A 94 21.10 12.04 -6.90
N LYS A 95 21.80 11.35 -7.81
CA LYS A 95 23.09 11.84 -8.28
CA LYS A 95 23.09 11.83 -8.29
C LYS A 95 22.97 13.20 -8.96
N ASP A 96 21.94 13.37 -9.79
CA ASP A 96 21.76 14.62 -10.51
C ASP A 96 21.20 15.73 -9.64
N CYS A 97 20.97 15.41 -8.38
CA CYS A 97 20.45 16.44 -7.56
C CYS A 97 21.57 17.19 -6.94
N LYS A 98 21.66 18.42 -7.32
CA LYS A 98 22.54 19.39 -6.73
C LYS A 98 21.75 20.56 -6.31
N GLU A 99 22.37 21.43 -5.53
CA GLU A 99 21.72 22.62 -5.05
C GLU A 99 20.84 23.39 -6.03
N LEU A 100 19.73 23.80 -5.51
CA LEU A 100 18.80 24.48 -6.31
C LEU A 100 19.23 25.85 -6.56
N PRO A 101 18.67 26.43 -7.60
CA PRO A 101 18.89 27.77 -8.03
C PRO A 101 18.62 28.67 -6.88
N ASP A 102 19.45 29.75 -6.77
CA ASP A 102 19.36 30.45 -5.50
C ASP A 102 18.16 31.38 -5.37
N ASP A 103 17.46 31.74 -6.46
CA ASP A 103 16.27 32.55 -6.28
C ASP A 103 14.96 31.76 -6.30
N THR A 104 14.96 30.47 -5.95
CA THR A 104 13.69 29.76 -5.85
C THR A 104 12.86 30.38 -4.74
N PRO A 105 11.57 30.61 -4.95
CA PRO A 105 10.74 31.10 -3.84
C PRO A 105 10.70 30.05 -2.74
N THR A 106 10.69 30.52 -1.50
CA THR A 106 10.40 29.58 -0.42
C THR A 106 8.98 29.03 -0.57
N SER A 107 8.07 29.82 -1.13
CA SER A 107 6.65 29.46 -1.11
C SER A 107 6.39 28.08 -1.72
N ILE A 108 7.24 27.63 -2.64
CA ILE A 108 6.97 26.37 -3.31
C ILE A 108 7.17 25.17 -2.38
N PHE A 109 7.91 25.33 -1.30
CA PHE A 109 8.04 24.34 -0.24
C PHE A 109 6.88 24.36 0.74
N LEU A 110 5.78 25.04 0.38
CA LEU A 110 4.53 24.91 1.11
C LEU A 110 3.62 23.86 0.50
N ASN A 111 4.13 23.07 -0.44
CA ASN A 111 3.32 22.15 -1.24
C ASN A 111 3.56 20.69 -0.89
N LEU A 112 3.91 20.39 0.33
CA LEU A 112 4.07 19.01 0.68
C LEU A 112 2.72 18.42 0.82
N PRO A 113 2.58 17.15 0.50
CA PRO A 113 1.36 16.37 0.51
C PRO A 113 0.75 16.15 1.87
N ASP A 114 1.61 16.01 2.84
CA ASP A 114 1.30 15.72 4.17
C ASP A 114 1.87 16.73 5.16
N TRP A 115 1.53 16.64 6.42
CA TRP A 115 2.07 17.50 7.41
C TRP A 115 3.54 17.16 7.63
N CYS A 116 3.95 15.95 7.37
CA CYS A 116 5.34 15.53 7.60
C CYS A 116 5.66 14.35 6.69
N VAL A 117 6.76 14.47 5.94
CA VAL A 117 7.20 13.41 5.04
C VAL A 117 8.59 12.96 5.47
N TYR A 118 8.88 11.68 5.26
CA TYR A 118 10.23 11.16 5.41
C TYR A 118 10.79 10.90 4.02
N VAL A 119 11.95 11.48 3.73
CA VAL A 119 12.61 11.31 2.44
C VAL A 119 13.82 10.42 2.67
N ASP A 120 13.92 9.37 1.85
CA ASP A 120 15.01 8.39 1.91
C ASP A 120 16.01 8.72 0.81
N ILE A 121 17.22 9.11 1.20
CA ILE A 121 18.29 9.53 0.31
C ILE A 121 19.59 8.84 0.69
N SER A 122 19.51 7.63 1.24
CA SER A 122 20.73 6.93 1.63
C SER A 122 21.61 6.57 0.44
N SER A 123 21.02 6.48 -0.75
CA SER A 123 21.80 6.28 -1.97
C SER A 123 22.56 7.52 -2.39
N ALA A 124 22.41 8.64 -1.68
CA ALA A 124 23.19 9.84 -1.95
C ALA A 124 24.57 9.76 -1.34
N GLN A 125 24.77 8.85 -0.39
CA GLN A 125 26.01 8.77 0.38
C GLN A 125 26.41 10.17 0.84
N ILE A 126 25.45 10.89 1.37
CA ILE A 126 25.71 12.13 2.07
C ILE A 126 25.88 11.82 3.54
N ALA A 127 26.83 12.44 4.21
CA ALA A 127 27.03 12.27 5.61
C ALA A 127 26.87 13.57 6.32
N THR A 128 26.77 13.51 7.61
CA THR A 128 26.56 14.65 8.47
C THR A 128 27.71 14.68 9.40
N PHE A 129 28.31 15.84 9.59
CA PHE A 129 29.48 15.96 10.46
C PHE A 129 29.36 16.73 11.74
N ASP A 130 29.59 16.08 12.86
CA ASP A 130 29.60 16.82 14.11
C ASP A 130 30.74 16.52 14.99
N ASP A 131 31.65 17.45 15.13
CA ASP A 131 32.77 17.33 16.05
C ASP A 131 33.50 16.06 16.02
N GLY A 132 34.00 15.77 14.85
CA GLY A 132 34.77 14.54 14.73
C GLY A 132 33.95 13.29 14.55
N VAL A 133 32.63 13.38 14.60
CA VAL A 133 31.76 12.21 14.54
C VAL A 133 31.03 12.33 13.22
N ALA A 134 31.27 11.41 12.29
CA ALA A 134 30.65 11.47 10.97
C ALA A 134 29.62 10.35 10.85
N LYS A 135 28.41 10.73 10.40
CA LYS A 135 27.32 9.77 10.36
C LYS A 135 26.65 9.81 8.99
N HIS A 136 26.38 8.63 8.45
CA HIS A 136 25.71 8.54 7.16
C HIS A 136 24.24 8.93 7.32
N ILE A 137 23.78 9.84 6.45
CA ILE A 137 22.39 10.29 6.48
C ILE A 137 21.53 9.24 5.76
N LYS A 138 20.77 8.46 6.53
CA LYS A 138 19.75 7.59 5.94
C LYS A 138 18.64 8.43 5.31
N GLY A 139 18.13 9.41 6.02
CA GLY A 139 17.09 10.24 5.42
C GLY A 139 16.80 11.46 6.26
N PHE A 140 15.68 12.11 5.95
CA PHE A 140 15.27 13.26 6.75
C PHE A 140 13.77 13.46 6.68
N TRP A 141 13.21 13.94 7.78
CA TRP A 141 11.81 14.36 7.84
C TRP A 141 11.71 15.85 7.54
N ALA A 142 10.75 16.20 6.69
CA ALA A 142 10.32 17.58 6.51
C ALA A 142 8.93 17.71 7.09
N ILE A 143 8.80 18.58 8.09
CA ILE A 143 7.57 18.70 8.87
C ILE A 143 7.24 20.17 9.04
N TYR A 144 5.95 20.52 9.00
CA TYR A 144 5.65 21.93 9.13
C TYR A 144 5.58 22.36 10.60
N ASP A 145 5.62 23.69 10.75
CA ASP A 145 5.56 24.30 12.05
C ASP A 145 5.00 25.71 11.91
N ILE A 146 4.48 26.20 13.01
CA ILE A 146 3.98 27.56 13.15
C ILE A 146 4.73 28.13 14.35
N VAL A 147 5.49 29.18 14.15
CA VAL A 147 6.30 29.67 15.23
C VAL A 147 5.97 31.06 15.62
N GLU A 148 6.18 31.41 16.87
CA GLU A 148 5.94 32.78 17.30
C GLU A 148 7.19 33.53 17.69
N MET A 149 7.57 34.43 16.81
CA MET A 149 8.70 35.32 17.00
C MET A 149 7.78 36.41 17.38
N ASN A 150 7.96 36.87 18.60
CA ASN A 150 6.92 37.61 19.23
C ASN A 150 6.16 38.69 18.58
N GLY A 151 4.89 38.35 18.64
CA GLY A 151 3.79 39.06 18.07
C GLY A 151 3.43 38.52 16.74
N ILE A 152 4.31 37.76 16.11
CA ILE A 152 3.99 37.25 14.80
C ILE A 152 4.13 35.79 14.71
N ASN A 153 3.24 35.23 13.91
CA ASN A 153 3.22 33.79 13.67
C ASN A 153 3.70 33.52 12.25
N HIS A 154 4.71 32.69 12.11
CA HIS A 154 5.24 32.39 10.80
C HIS A 154 5.16 30.94 10.45
N ASP A 155 5.12 30.67 9.15
CA ASP A 155 5.12 29.32 8.59
C ASP A 155 6.56 28.87 8.45
N VAL A 156 6.93 27.83 9.20
CA VAL A 156 8.30 27.33 9.23
C VAL A 156 8.28 25.88 8.77
N LEU A 157 9.31 25.50 8.09
CA LEU A 157 9.50 24.11 7.69
C LEU A 157 10.70 23.57 8.46
N ASP A 158 10.47 22.49 9.23
CA ASP A 158 11.51 21.89 10.06
C ASP A 158 12.06 20.65 9.36
N PHE A 159 13.35 20.43 9.56
CA PHE A 159 14.04 19.27 9.04
C PHE A 159 14.61 18.49 10.20
N VAL A 160 14.41 17.17 10.19
CA VAL A 160 14.95 16.28 11.21
C VAL A 160 15.80 15.24 10.50
N VAL A 161 17.08 15.18 10.85
CA VAL A 161 18.00 14.26 10.21
C VAL A 161 17.89 12.88 10.85
N ASP A 162 17.86 11.84 10.01
CA ASP A 162 17.80 10.45 10.44
C ASP A 162 19.09 9.76 10.00
N THR A 163 19.90 9.40 10.95
CA THR A 163 21.08 8.71 10.75
C THR A 163 20.97 7.31 11.26
N ASP A 164 19.82 6.88 11.67
CA ASP A 164 19.64 5.55 12.21
C ASP A 164 20.58 5.18 13.34
N THR A 165 20.74 6.03 14.31
CA THR A 165 21.57 5.72 15.43
C THR A 165 20.81 6.06 16.68
N ASP A 166 21.14 5.37 17.77
CA ASP A 166 20.59 5.56 19.06
C ASP A 166 20.79 6.95 19.55
N ASP A 167 21.90 7.59 19.30
CA ASP A 167 22.02 8.94 19.67
C ASP A 167 21.68 9.88 18.57
N ASN A 168 20.73 9.59 17.71
CA ASN A 168 20.35 10.53 16.67
C ASN A 168 19.93 11.85 17.24
N VAL A 169 20.27 12.91 16.57
CA VAL A 169 19.87 14.23 17.07
C VAL A 169 18.63 14.64 16.28
N TYR A 170 17.47 14.51 16.92
CA TYR A 170 16.19 14.77 16.29
C TYR A 170 15.75 16.23 16.39
N VAL A 171 16.53 17.09 17.03
CA VAL A 171 16.18 18.49 17.20
C VAL A 171 15.89 19.12 15.84
N PRO A 172 14.68 19.63 15.62
CA PRO A 172 14.33 20.15 14.29
C PRO A 172 15.15 21.37 13.92
N GLN A 173 15.32 21.55 12.61
CA GLN A 173 16.02 22.69 12.06
C GLN A 173 15.05 23.54 11.25
N PRO A 174 14.82 24.78 11.64
CA PRO A 174 13.77 25.60 11.01
C PRO A 174 14.21 26.33 9.75
N PHE A 175 13.25 26.54 8.90
CA PHE A 175 13.45 27.19 7.66
C PHE A 175 12.22 27.93 7.32
N ILE A 176 12.17 29.20 7.64
CA ILE A 176 11.02 30.05 7.44
C ILE A 176 10.58 30.32 6.03
N LEU A 177 9.31 30.05 5.76
CA LEU A 177 8.74 30.19 4.47
C LEU A 177 7.86 31.38 4.32
N SER A 178 7.23 31.75 5.41
CA SER A 178 6.24 32.82 5.48
C SER A 178 6.69 34.09 4.78
N SER A 179 8.01 34.30 4.65
CA SER A 179 8.51 35.47 3.96
C SER A 179 8.37 35.30 2.46
N GLY A 180 8.39 36.41 1.74
CA GLY A 180 8.43 36.36 0.30
C GLY A 180 9.78 36.02 -0.27
N GLN A 181 10.78 35.85 0.58
CA GLN A 181 12.16 35.73 0.15
C GLN A 181 12.42 34.36 -0.49
N SER A 182 13.43 34.32 -1.36
CA SER A 182 13.85 33.08 -1.98
C SER A 182 14.71 32.26 -1.02
N VAL A 183 15.02 31.02 -1.44
CA VAL A 183 15.97 30.18 -0.71
C VAL A 183 17.27 30.93 -0.42
N ALA A 184 17.87 31.52 -1.45
CA ALA A 184 19.15 32.20 -1.24
C ALA A 184 19.06 33.25 -0.16
N GLU A 185 18.05 34.06 -0.21
CA GLU A 185 17.91 35.11 0.74
C GLU A 185 17.93 34.65 2.16
N VAL A 186 17.10 33.69 2.43
CA VAL A 186 16.97 33.18 3.78
C VAL A 186 18.23 32.41 4.17
N LEU A 187 18.42 31.30 3.51
CA LEU A 187 19.53 30.47 3.85
C LEU A 187 20.86 31.13 3.74
N ASP A 188 21.17 31.66 2.57
CA ASP A 188 22.49 32.20 2.31
C ASP A 188 22.95 33.45 3.01
N TYR A 189 22.24 34.54 2.77
CA TYR A 189 22.59 35.84 3.32
C TYR A 189 22.13 36.21 4.71
N GLY A 190 21.68 35.25 5.49
CA GLY A 190 21.23 35.40 6.88
C GLY A 190 19.97 36.28 7.21
N ALA A 191 19.06 36.42 6.28
CA ALA A 191 17.86 37.22 6.48
C ALA A 191 16.78 36.61 7.41
N SER A 192 16.91 35.34 7.70
CA SER A 192 16.00 34.62 8.53
C SER A 192 16.09 35.02 10.00
N LEU A 193 15.08 34.68 10.78
CA LEU A 193 15.17 35.01 12.17
C LEU A 193 16.00 33.98 12.90
N PHE A 194 16.39 32.95 12.13
CA PHE A 194 17.11 31.75 12.52
C PHE A 194 18.39 31.99 11.77
N ASP A 195 19.47 32.12 12.51
CA ASP A 195 20.67 32.47 11.85
C ASP A 195 21.73 31.52 12.17
N ASP A 196 21.39 30.35 12.70
CA ASP A 196 22.48 29.49 13.06
C ASP A 196 23.48 29.12 11.98
N ASP A 197 23.21 29.35 10.70
CA ASP A 197 24.19 29.00 9.60
C ASP A 197 24.63 27.58 9.37
N THR A 198 25.04 26.86 10.40
CA THR A 198 25.42 25.48 10.19
C THR A 198 24.12 24.78 9.80
N SER A 199 23.07 25.06 10.57
CA SER A 199 21.76 24.49 10.30
C SER A 199 21.26 24.95 8.94
N ASN A 200 21.46 26.22 8.63
CA ASN A 200 21.02 26.74 7.34
C ASN A 200 21.75 26.05 6.22
N THR A 201 23.06 25.82 6.29
CA THR A 201 23.71 25.10 5.18
C THR A 201 23.27 23.68 5.13
N LEU A 202 23.02 23.06 6.26
CA LEU A 202 22.51 21.72 6.24
C LEU A 202 21.16 21.65 5.51
N ILE A 203 20.31 22.64 5.75
CA ILE A 203 18.98 22.67 5.13
C ILE A 203 19.05 22.84 3.63
N LYS A 204 19.91 23.74 3.18
CA LYS A 204 20.11 23.99 1.76
C LYS A 204 20.48 22.68 1.10
N GLY A 205 21.35 21.90 1.73
CA GLY A 205 21.77 20.63 1.18
C GLY A 205 20.62 19.67 1.01
N LEU A 206 19.74 19.65 2.00
CA LEU A 206 18.54 18.81 1.99
C LEU A 206 17.52 19.21 0.92
N LEU A 207 17.39 20.51 0.68
CA LEU A 207 16.40 21.03 -0.25
C LEU A 207 16.17 20.37 -1.62
N PRO A 208 17.23 20.00 -2.33
CA PRO A 208 17.10 19.40 -3.68
C PRO A 208 16.38 18.07 -3.71
N TYR A 209 16.48 17.28 -2.64
CA TYR A 209 15.73 16.04 -2.57
C TYR A 209 14.28 16.28 -2.19
N LEU A 210 14.03 17.24 -1.29
CA LEU A 210 12.67 17.56 -0.87
C LEU A 210 11.84 18.19 -1.98
N LEU A 211 12.48 18.75 -3.01
CA LEU A 211 11.71 19.46 -4.03
C LEU A 211 10.73 18.54 -4.78
N TRP A 212 11.07 17.26 -4.89
CA TRP A 212 10.23 16.35 -5.68
C TRP A 212 8.79 16.30 -5.19
N LEU A 213 8.59 16.44 -3.88
CA LEU A 213 7.25 16.38 -3.31
C LEU A 213 6.46 17.67 -3.51
N CYS A 214 7.12 18.75 -3.93
CA CYS A 214 6.45 20.04 -4.11
C CYS A 214 6.22 20.40 -5.57
N VAL A 215 6.55 19.50 -6.50
CA VAL A 215 6.40 19.75 -7.93
C VAL A 215 4.98 19.45 -8.36
N ALA A 216 4.42 20.14 -9.29
CA ALA A 216 3.05 19.91 -9.75
C ALA A 216 2.87 18.56 -10.45
N GLU A 217 3.95 17.98 -10.98
CA GLU A 217 3.91 16.79 -11.84
C GLU A 217 4.94 15.76 -11.35
N PRO A 218 4.72 15.12 -10.20
CA PRO A 218 5.77 14.31 -9.59
C PRO A 218 5.95 12.93 -10.24
N ASP A 219 7.22 12.42 -10.28
CA ASP A 219 7.31 10.99 -10.60
C ASP A 219 7.15 10.20 -9.30
N ILE A 220 5.96 10.13 -8.72
CA ILE A 220 5.73 9.27 -7.55
C ILE A 220 5.07 7.99 -8.05
N THR A 221 5.57 6.85 -7.60
CA THR A 221 4.91 5.57 -7.82
C THR A 221 4.71 4.88 -6.48
N TYR A 222 3.46 4.28 -6.27
CA TYR A 222 3.22 3.47 -5.11
C TYR A 222 3.07 2.08 -5.62
N LYS A 223 4.01 1.24 -5.25
CA LYS A 223 4.05 -0.18 -5.58
C LYS A 223 4.14 -0.41 -7.10
N GLY A 224 4.78 0.52 -7.79
CA GLY A 224 5.00 0.39 -9.22
C GLY A 224 3.95 1.03 -10.10
N LEU A 225 3.01 1.78 -9.52
CA LEU A 225 1.97 2.36 -10.34
C LEU A 225 1.89 3.85 -10.08
N PRO A 226 1.60 4.65 -11.09
CA PRO A 226 1.74 6.11 -10.94
C PRO A 226 0.76 6.67 -9.92
N VAL A 227 1.23 7.69 -9.22
CA VAL A 227 0.40 8.44 -8.27
C VAL A 227 0.29 9.86 -8.79
N SER A 228 -0.93 10.31 -9.03
CA SER A 228 -1.13 11.70 -9.38
C SER A 228 -1.09 12.53 -8.11
N ARG A 229 -0.61 13.77 -8.26
CA ARG A 229 -0.50 14.65 -7.09
C ARG A 229 -1.86 14.86 -6.43
N GLU A 230 -2.92 14.93 -7.24
CA GLU A 230 -4.30 14.75 -6.82
C GLU A 230 -4.50 13.59 -5.83
N GLU A 231 -4.07 12.38 -6.22
CA GLU A 231 -4.21 11.22 -5.32
C GLU A 231 -3.27 11.29 -4.13
N LEU A 232 -2.14 11.98 -4.29
CA LEU A 232 -1.13 12.00 -3.24
C LEU A 232 -1.61 12.82 -2.03
N THR A 233 -2.29 13.94 -2.28
CA THR A 233 -2.76 14.82 -1.22
C THR A 233 -4.05 14.31 -0.56
N ARG A 234 -4.63 13.22 -1.05
CA ARG A 234 -5.79 12.62 -0.47
C ARG A 234 -5.53 12.34 1.00
N PRO A 235 -6.50 12.44 1.88
CA PRO A 235 -6.24 12.16 3.29
C PRO A 235 -5.95 10.69 3.54
N LYS A 236 -5.14 10.38 4.55
CA LYS A 236 -4.86 9.00 4.92
C LYS A 236 -5.50 8.75 6.22
N HIS A 237 -5.14 9.48 7.29
CA HIS A 237 -5.73 9.33 8.61
C HIS A 237 -7.25 9.48 8.55
N SER A 238 -7.93 8.68 9.36
CA SER A 238 -9.38 8.75 9.50
C SER A 238 -9.73 9.27 10.88
N ILE A 239 -10.70 10.18 10.94
CA ILE A 239 -11.16 10.75 12.20
C ILE A 239 -12.53 10.17 12.53
N ASN A 240 -12.70 9.77 13.78
CA ASN A 240 -13.95 9.26 14.25
C ASN A 240 -14.93 10.39 14.53
N LYS A 241 -16.09 10.32 13.93
CA LYS A 241 -17.11 11.32 14.05
C LYS A 241 -17.80 11.46 15.39
N LYS A 242 -17.70 10.44 16.22
CA LYS A 242 -18.39 10.46 17.49
C LYS A 242 -17.48 10.65 18.63
N THR A 243 -16.33 10.03 18.54
CA THR A 243 -15.31 10.08 19.55
C THR A 243 -14.27 11.16 19.32
N GLY A 244 -14.00 11.49 18.07
CA GLY A 244 -12.98 12.45 17.76
C GLY A 244 -11.59 11.91 17.68
N ALA A 245 -11.43 10.63 17.83
CA ALA A 245 -10.16 9.96 17.82
C ALA A 245 -9.67 9.79 16.44
N PHE A 246 -8.36 9.64 16.30
CA PHE A 246 -7.72 9.48 15.01
C PHE A 246 -7.49 8.02 14.71
N VAL A 247 -7.65 7.65 13.45
CA VAL A 247 -7.36 6.29 13.02
C VAL A 247 -6.12 6.48 12.17
N THR A 248 -5.03 5.83 12.56
CA THR A 248 -3.77 5.99 11.83
C THR A 248 -3.29 4.73 11.14
N PRO A 249 -2.37 4.89 10.19
CA PRO A 249 -1.85 3.73 9.45
C PRO A 249 -1.01 2.83 10.33
N SER A 250 -1.14 1.52 10.13
CA SER A 250 -0.40 0.54 10.91
C SER A 250 0.96 0.30 10.28
N GLU A 251 1.06 0.58 9.00
CA GLU A 251 2.29 0.41 8.25
C GLU A 251 2.53 1.66 7.43
N PRO A 252 3.79 1.94 7.10
CA PRO A 252 4.10 3.13 6.30
C PRO A 252 3.78 2.93 4.83
N PHE A 253 3.56 4.02 4.12
CA PHE A 253 3.29 3.99 2.69
C PHE A 253 4.60 4.36 2.01
N ILE A 254 5.33 3.35 1.54
CA ILE A 254 6.64 3.56 0.92
C ILE A 254 6.45 3.83 -0.57
N TYR A 255 6.76 5.05 -0.98
CA TYR A 255 6.67 5.48 -2.36
C TYR A 255 8.07 5.38 -3.02
N GLN A 256 8.12 5.52 -4.32
CA GLN A 256 9.36 5.68 -5.06
C GLN A 256 9.25 6.90 -5.94
N ILE A 257 10.32 7.70 -6.01
CA ILE A 257 10.32 8.92 -6.80
C ILE A 257 11.37 8.80 -7.88
N GLY A 258 11.01 9.24 -9.09
CA GLY A 258 11.91 9.20 -10.22
C GLY A 258 12.31 7.79 -10.62
N GLU A 259 11.36 6.87 -10.60
CA GLU A 259 11.72 5.50 -10.95
C GLU A 259 11.57 5.22 -12.44
N ARG A 260 10.58 5.83 -13.11
CA ARG A 260 10.59 5.81 -14.56
C ARG A 260 11.88 6.39 -15.11
N LEU A 261 12.26 7.57 -14.61
CA LEU A 261 13.50 8.22 -15.02
C LEU A 261 14.70 7.34 -14.69
N GLY A 262 14.67 6.71 -13.56
CA GLY A 262 15.79 5.90 -13.23
C GLY A 262 15.91 4.74 -14.13
N SER A 263 14.81 4.10 -14.45
CA SER A 263 14.84 2.99 -15.35
C SER A 263 15.27 3.39 -16.71
N GLU A 264 14.88 4.57 -17.14
CA GLU A 264 15.26 5.00 -18.45
C GLU A 264 16.76 5.17 -18.44
N VAL A 265 17.30 5.81 -17.43
CA VAL A 265 18.73 5.96 -17.37
C VAL A 265 19.42 4.62 -17.28
N ARG A 266 18.88 3.66 -16.56
CA ARG A 266 19.52 2.37 -16.47
C ARG A 266 19.59 1.74 -17.85
N ARG A 267 18.52 1.83 -18.62
CA ARG A 267 18.47 1.33 -19.98
C ARG A 267 19.46 2.05 -20.89
N TYR A 268 19.62 3.33 -20.85
CA TYR A 268 20.63 4.07 -21.60
C TYR A 268 22.02 3.51 -21.31
N GLN A 269 22.35 3.38 -20.03
CA GLN A 269 23.64 2.81 -19.66
C GLN A 269 23.77 1.39 -20.20
N SER A 270 22.67 0.66 -20.26
CA SER A 270 22.69 -0.70 -20.80
C SER A 270 23.08 -0.70 -22.28
N ILE A 271 22.52 0.23 -23.07
CA ILE A 271 22.96 0.37 -24.46
C ILE A 271 24.45 0.71 -24.53
N ILE A 272 24.92 1.62 -23.68
CA ILE A 272 26.36 1.95 -23.71
C ILE A 272 27.19 0.70 -23.45
N ASP A 273 26.81 -0.05 -22.49
CA ASP A 273 27.56 -1.23 -22.13
C ASP A 273 27.55 -2.24 -23.24
N GLY A 274 26.41 -2.42 -23.89
CA GLY A 274 26.26 -3.33 -25.02
C GLY A 274 27.14 -2.95 -26.18
N GLU A 275 27.26 -1.65 -26.42
CA GLU A 275 28.14 -1.17 -27.45
C GLU A 275 29.57 -1.52 -27.07
N GLN A 276 29.92 -1.33 -25.82
CA GLN A 276 31.25 -1.63 -25.41
C GLN A 276 31.51 -3.11 -25.30
N LYS A 277 30.50 -3.95 -25.41
CA LYS A 277 30.74 -5.38 -25.33
C LYS A 277 30.93 -6.00 -26.69
N ARG A 278 30.61 -5.22 -27.71
CA ARG A 278 30.71 -5.64 -29.09
C ARG A 278 31.71 -4.84 -29.88
N ASN A 279 32.26 -3.81 -29.29
CA ASN A 279 33.54 -3.30 -29.70
C ASN A 279 33.62 -2.88 -31.16
N ARG A 280 32.57 -2.28 -31.71
CA ARG A 280 32.65 -1.89 -33.10
C ARG A 280 33.08 -0.45 -33.36
N PRO A 281 33.98 -0.26 -34.32
CA PRO A 281 34.55 1.03 -34.68
C PRO A 281 33.52 2.01 -35.20
N PRO A 286 28.01 8.14 -27.78
CA PRO A 286 27.19 7.23 -26.98
C PRO A 286 27.35 7.57 -25.52
N HIS A 287 26.70 8.63 -25.10
CA HIS A 287 26.80 9.05 -23.73
C HIS A 287 25.46 9.54 -23.13
N ILE A 288 25.40 9.71 -21.81
CA ILE A 288 24.19 10.16 -21.18
C ILE A 288 24.45 11.58 -20.68
N ARG A 289 23.56 12.48 -21.02
CA ARG A 289 23.63 13.82 -20.54
C ARG A 289 22.76 13.76 -19.28
N ARG A 290 23.33 14.05 -18.12
CA ARG A 290 22.65 13.93 -16.84
C ARG A 290 21.50 14.91 -16.71
N GLY A 291 20.46 14.51 -15.98
CA GLY A 291 19.39 15.42 -15.63
C GLY A 291 19.83 16.42 -14.57
N HIS A 292 18.95 17.38 -14.30
CA HIS A 292 19.25 18.41 -13.31
C HIS A 292 17.98 19.20 -13.01
N TRP A 293 17.98 19.85 -11.88
CA TRP A 293 16.86 20.63 -11.49
C TRP A 293 17.01 21.87 -12.26
N HIS A 294 15.99 22.31 -12.94
CA HIS A 294 16.14 23.53 -13.69
C HIS A 294 15.19 24.63 -13.24
N GLY A 295 15.69 25.82 -12.96
CA GLY A 295 14.86 26.92 -12.54
C GLY A 295 14.78 28.04 -13.54
N TYR A 296 13.60 28.61 -13.71
CA TYR A 296 13.39 29.71 -14.64
C TYR A 296 12.15 30.52 -14.24
N TRP A 297 11.97 31.72 -14.79
CA TRP A 297 10.75 32.52 -14.49
C TRP A 297 9.92 32.95 -15.67
N GLN A 298 8.66 32.55 -15.64
CA GLN A 298 7.74 32.91 -16.68
C GLN A 298 7.52 34.42 -16.62
N GLY A 299 7.48 34.98 -15.41
CA GLY A 299 7.33 36.41 -15.20
C GLY A 299 6.28 37.07 -16.03
N THR A 300 5.12 36.43 -16.14
CA THR A 300 3.99 36.93 -16.91
C THR A 300 2.79 37.16 -15.99
N GLY A 301 1.87 38.01 -16.43
CA GLY A 301 0.75 38.42 -15.60
C GLY A 301 1.09 39.48 -14.57
N GLN A 302 2.27 40.10 -14.68
CA GLN A 302 2.87 41.08 -13.77
C GLN A 302 3.35 40.49 -12.48
N ALA A 303 2.84 39.32 -12.15
CA ALA A 303 3.24 38.72 -10.91
C ALA A 303 4.51 37.96 -11.21
N LYS A 304 5.53 38.17 -10.38
CA LYS A 304 6.82 37.53 -10.61
C LYS A 304 6.92 36.18 -9.97
N GLU A 305 7.19 35.16 -10.78
CA GLU A 305 7.26 33.81 -10.28
C GLU A 305 8.48 33.12 -10.86
N PHE A 306 9.10 32.27 -10.05
CA PHE A 306 10.30 31.54 -10.44
C PHE A 306 9.93 30.07 -10.57
N ARG A 307 10.05 29.51 -11.76
CA ARG A 307 9.67 28.11 -11.90
C ARG A 307 10.85 27.16 -12.06
N VAL A 308 10.78 26.05 -11.32
CA VAL A 308 11.80 25.02 -11.31
C VAL A 308 11.20 23.70 -11.67
N ARG A 309 11.85 22.96 -12.55
CA ARG A 309 11.35 21.68 -13.05
C ARG A 309 12.50 20.73 -13.30
N TRP A 310 12.24 19.46 -13.47
CA TRP A 310 13.30 18.52 -13.71
C TRP A 310 13.60 18.31 -15.15
N GLN A 311 14.80 18.68 -15.55
CA GLN A 311 15.21 18.45 -16.93
C GLN A 311 15.88 17.09 -16.99
N PRO A 312 15.31 16.12 -17.70
CA PRO A 312 15.72 14.72 -17.54
C PRO A 312 17.02 14.38 -18.27
N ALA A 313 17.51 13.18 -17.96
CA ALA A 313 18.68 12.64 -18.64
C ALA A 313 18.35 12.27 -20.08
N VAL A 314 19.31 12.49 -20.96
CA VAL A 314 19.09 12.41 -22.40
C VAL A 314 20.17 11.54 -23.01
N PHE A 315 19.73 10.53 -23.74
CA PHE A 315 20.62 9.61 -24.40
C PHE A 315 21.17 10.27 -25.61
N VAL A 316 22.45 10.56 -25.60
CA VAL A 316 23.05 11.18 -26.75
C VAL A 316 23.76 10.11 -27.57
N ASN A 317 23.32 9.90 -28.78
CA ASN A 317 23.94 8.89 -29.58
C ASN A 317 24.38 9.36 -30.97
N SER B 1 8.55 -10.02 4.31
CA SER B 1 8.70 -11.17 3.48
C SER B 1 7.67 -11.20 2.42
N MET B 2 7.88 -12.07 1.46
CA MET B 2 7.05 -12.25 0.33
C MET B 2 6.14 -13.38 0.52
N HIS B 3 4.89 -13.16 0.14
CA HIS B 3 3.79 -14.07 0.21
C HIS B 3 4.04 -15.23 -0.65
N HIS B 4 3.54 -16.38 -0.24
CA HIS B 4 3.75 -17.59 -1.00
C HIS B 4 3.09 -17.55 -2.39
N THR B 5 1.93 -16.90 -2.51
CA THR B 5 1.27 -16.84 -3.79
C THR B 5 2.13 -16.10 -4.80
N ILE B 6 2.71 -14.99 -4.36
CA ILE B 6 3.59 -14.21 -5.21
C ILE B 6 4.84 -14.99 -5.55
N ALA B 7 5.35 -15.72 -4.56
CA ALA B 7 6.56 -16.50 -4.73
C ALA B 7 6.35 -17.68 -5.68
N ARG B 8 5.16 -18.26 -5.65
CA ARG B 8 4.90 -19.37 -6.51
C ARG B 8 4.56 -18.92 -7.87
N MET B 9 4.00 -17.74 -8.02
CA MET B 9 3.75 -17.15 -9.34
C MET B 9 5.05 -16.76 -10.02
N ASN B 10 6.00 -16.21 -9.26
CA ASN B 10 7.30 -15.87 -9.84
C ASN B 10 8.03 -17.12 -10.29
N ALA B 11 8.01 -18.17 -9.47
CA ALA B 11 8.64 -19.42 -9.84
C ALA B 11 8.02 -19.99 -11.11
N PHE B 12 6.69 -19.93 -11.23
CA PHE B 12 6.04 -20.39 -12.44
C PHE B 12 6.47 -19.55 -13.64
N ASN B 13 6.47 -18.25 -13.50
CA ASN B 13 6.82 -17.36 -14.57
C ASN B 13 8.21 -17.58 -15.03
N LYS B 14 9.09 -18.04 -14.18
CA LYS B 14 10.46 -18.36 -14.58
C LYS B 14 10.61 -19.80 -15.10
N ALA B 15 9.76 -20.73 -14.67
CA ALA B 15 9.85 -22.11 -15.14
C ALA B 15 9.22 -22.30 -16.51
N PHE B 16 8.30 -21.42 -16.90
CA PHE B 16 7.62 -21.45 -18.18
C PHE B 16 7.94 -20.12 -18.85
N ALA B 17 9.14 -20.01 -19.43
CA ALA B 17 9.68 -18.74 -19.88
C ALA B 17 8.75 -17.97 -20.81
N ASN B 18 7.86 -18.65 -21.51
CA ASN B 18 6.88 -18.00 -22.36
C ASN B 18 5.74 -17.35 -21.58
N ALA B 19 5.79 -17.39 -20.25
CA ALA B 19 4.70 -16.90 -19.44
C ALA B 19 4.33 -15.47 -19.82
N LYS B 20 5.31 -14.52 -19.71
CA LYS B 20 5.00 -13.10 -19.81
C LYS B 20 4.60 -12.74 -21.23
N ASP B 21 5.29 -13.28 -22.24
CA ASP B 21 4.79 -13.21 -23.61
C ASP B 21 3.30 -13.51 -23.66
N CYS B 22 2.90 -14.66 -23.08
CA CYS B 22 1.49 -15.02 -23.07
C CYS B 22 0.65 -13.93 -22.45
N TYR B 23 1.09 -13.37 -21.32
CA TYR B 23 0.31 -12.30 -20.71
C TYR B 23 0.12 -11.14 -21.67
N LYS B 24 1.20 -10.78 -22.38
CA LYS B 24 1.09 -9.73 -23.38
C LYS B 24 0.01 -10.07 -24.40
N LYS B 25 0.04 -11.30 -24.93
CA LYS B 25 -1.03 -11.73 -25.83
C LYS B 25 -2.38 -11.54 -25.16
N MET B 26 -2.54 -12.06 -23.93
CA MET B 26 -3.79 -11.89 -23.21
C MET B 26 -4.18 -10.43 -23.15
N GLN B 27 -3.22 -9.57 -22.80
CA GLN B 27 -3.49 -8.14 -22.72
C GLN B 27 -4.05 -7.63 -24.04
N ALA B 28 -3.35 -7.94 -25.15
CA ALA B 28 -3.84 -7.56 -26.46
C ALA B 28 -5.30 -7.98 -26.61
N TRP B 29 -5.56 -9.27 -26.41
CA TRP B 29 -6.92 -9.78 -26.52
C TRP B 29 -7.89 -8.93 -25.71
N HIS B 30 -7.56 -8.69 -24.44
CA HIS B 30 -8.45 -7.90 -23.60
C HIS B 30 -8.79 -6.60 -24.30
N LEU B 31 -7.81 -5.81 -24.62
CA LEU B 31 -8.04 -4.51 -25.23
C LEU B 31 -8.87 -4.50 -26.47
N LEU B 32 -8.66 -5.46 -27.32
CA LEU B 32 -9.47 -5.53 -28.48
C LEU B 32 -10.84 -5.94 -28.19
N ASN B 33 -10.97 -7.07 -27.50
CA ASN B 33 -12.28 -7.64 -27.19
C ASN B 33 -13.15 -6.94 -26.13
N LYS B 34 -12.50 -6.27 -25.18
CA LYS B 34 -13.19 -5.54 -24.12
C LYS B 34 -14.31 -6.32 -23.43
N PRO B 35 -13.96 -7.42 -22.74
CA PRO B 35 -14.93 -8.23 -22.00
C PRO B 35 -15.55 -7.45 -20.85
N LYS B 36 -16.82 -7.71 -20.58
CA LYS B 36 -17.56 -7.00 -19.53
C LYS B 36 -17.17 -7.35 -18.09
N HIS B 37 -17.06 -8.64 -17.79
CA HIS B 37 -16.73 -9.06 -16.44
C HIS B 37 -15.39 -9.77 -16.33
N ALA B 38 -15.05 -10.60 -17.31
CA ALA B 38 -13.79 -11.32 -17.28
C ALA B 38 -12.66 -10.43 -17.80
N PHE B 39 -11.47 -11.01 -17.85
CA PHE B 39 -10.31 -10.38 -18.44
C PHE B 39 -9.78 -11.13 -19.64
N PHE B 40 -9.93 -12.45 -19.67
CA PHE B 40 -9.46 -13.30 -20.75
C PHE B 40 -10.02 -14.70 -20.55
N PRO B 41 -10.74 -15.26 -21.53
CA PRO B 41 -11.43 -16.53 -21.31
C PRO B 41 -10.47 -17.70 -21.19
N MET B 42 -10.85 -18.67 -20.35
CA MET B 42 -10.00 -19.85 -20.16
C MET B 42 -9.98 -20.72 -21.40
N GLN B 43 -11.07 -20.65 -22.13
CA GLN B 43 -11.21 -21.35 -23.36
C GLN B 43 -10.09 -21.02 -24.37
N ASN B 44 -9.66 -19.78 -24.34
CA ASN B 44 -8.69 -19.27 -25.27
C ASN B 44 -7.26 -19.48 -24.96
N THR B 45 -6.96 -20.20 -23.92
CA THR B 45 -5.60 -20.43 -23.46
C THR B 45 -4.76 -21.25 -24.33
N PRO B 46 -5.36 -22.09 -25.11
CA PRO B 46 -4.65 -22.88 -26.07
C PRO B 46 -3.95 -22.02 -27.08
N ALA B 47 -4.57 -20.91 -27.49
CA ALA B 47 -3.99 -20.01 -28.48
C ALA B 47 -2.78 -19.22 -28.00
N LEU B 48 -2.61 -19.12 -26.69
CA LEU B 48 -1.51 -18.35 -26.13
C LEU B 48 -0.11 -18.87 -26.48
N ASP B 49 0.06 -20.18 -26.47
CA ASP B 49 1.35 -20.76 -26.81
C ASP B 49 1.11 -21.81 -27.88
N ASN B 50 1.99 -21.86 -28.87
CA ASN B 50 1.82 -22.81 -29.97
C ASN B 50 2.24 -24.22 -29.57
N GLY B 51 3.32 -24.33 -28.80
CA GLY B 51 3.72 -25.64 -28.31
C GLY B 51 2.70 -26.28 -27.41
N LEU B 52 2.02 -25.46 -26.59
CA LEU B 52 0.98 -25.99 -25.72
C LEU B 52 -0.22 -26.49 -26.53
N ALA B 53 -0.59 -25.79 -27.60
CA ALA B 53 -1.66 -26.29 -28.45
C ALA B 53 -1.22 -27.55 -29.18
N ALA B 54 0.04 -27.62 -29.60
CA ALA B 54 0.55 -28.80 -30.28
C ALA B 54 0.53 -30.03 -29.37
N LEU B 55 0.84 -29.83 -28.09
CA LEU B 55 0.87 -30.93 -27.13
C LEU B 55 -0.49 -31.20 -26.51
N TYR B 56 -1.43 -30.26 -26.62
CA TYR B 56 -2.79 -30.38 -26.12
C TYR B 56 -3.75 -30.94 -27.15
N GLU B 57 -3.41 -30.85 -28.44
CA GLU B 57 -4.21 -31.49 -29.48
C GLU B 57 -3.75 -32.92 -29.78
N LEU B 58 -2.63 -33.36 -29.17
CA LEU B 58 -2.24 -34.76 -29.26
C LEU B 58 -3.34 -35.65 -28.69
N ARG B 59 -3.30 -36.93 -29.08
CA ARG B 59 -3.97 -37.93 -28.28
C ARG B 59 -3.35 -37.87 -26.90
N GLY B 60 -4.08 -37.31 -25.94
CA GLY B 60 -3.51 -37.10 -24.63
C GLY B 60 -3.35 -35.64 -24.27
N GLY B 61 -4.12 -34.78 -24.93
CA GLY B 61 -4.12 -33.38 -24.56
C GLY B 61 -4.91 -33.15 -23.30
N LYS B 62 -6.07 -33.82 -23.23
CA LYS B 62 -6.93 -33.73 -22.06
C LYS B 62 -6.62 -34.79 -20.99
N GLU B 63 -5.74 -35.74 -21.30
CA GLU B 63 -5.21 -36.65 -20.27
C GLU B 63 -4.21 -35.95 -19.37
N ASP B 64 -3.47 -34.98 -19.92
CA ASP B 64 -2.25 -34.50 -19.28
C ASP B 64 -2.62 -33.30 -18.41
N ALA B 65 -2.49 -33.47 -17.10
CA ALA B 65 -2.83 -32.41 -16.17
C ALA B 65 -1.72 -31.38 -16.02
N HIS B 66 -0.52 -31.66 -16.52
CA HIS B 66 0.55 -30.67 -16.43
C HIS B 66 0.31 -29.52 -17.42
N ILE B 67 -0.03 -29.84 -18.66
CA ILE B 67 -0.44 -28.82 -19.62
C ILE B 67 -1.69 -28.08 -19.12
N LEU B 68 -2.65 -28.81 -18.58
CA LEU B 68 -3.85 -28.15 -18.12
C LEU B 68 -3.47 -27.20 -17.01
N SER B 69 -2.53 -27.61 -16.17
CA SER B 69 -2.09 -26.77 -15.07
C SER B 69 -1.47 -25.49 -15.60
N ILE B 70 -0.64 -25.63 -16.62
CA ILE B 70 0.02 -24.50 -17.26
C ILE B 70 -1.00 -23.52 -17.78
N LEU B 71 -1.95 -24.00 -18.57
CA LEU B 71 -2.97 -23.12 -19.13
C LEU B 71 -3.79 -22.49 -18.02
N SER B 72 -4.16 -23.29 -17.03
CA SER B 72 -4.95 -22.79 -15.93
C SER B 72 -4.18 -21.72 -15.20
N ARG B 73 -2.90 -21.98 -14.94
CA ARG B 73 -2.11 -20.99 -14.25
C ARG B 73 -1.97 -19.72 -15.05
N LEU B 74 -1.77 -19.83 -16.36
CA LEU B 74 -1.63 -18.64 -17.17
C LEU B 74 -2.89 -17.82 -17.08
N TYR B 75 -4.05 -18.42 -17.32
CA TYR B 75 -5.34 -17.71 -17.23
C TYR B 75 -5.52 -16.92 -15.91
N LEU B 76 -5.48 -17.64 -14.79
CA LEU B 76 -5.62 -17.02 -13.47
C LEU B 76 -4.58 -15.94 -13.27
N TYR B 77 -3.31 -16.29 -13.51
CA TYR B 77 -2.22 -15.33 -13.36
C TYR B 77 -2.38 -14.18 -14.35
N GLY B 78 -2.80 -14.50 -15.58
CA GLY B 78 -3.02 -13.50 -16.60
C GLY B 78 -3.97 -12.42 -16.11
N ALA B 79 -4.95 -12.84 -15.30
CA ALA B 79 -5.92 -11.91 -14.74
C ALA B 79 -5.48 -11.22 -13.44
N TRP B 80 -4.84 -11.99 -12.56
CA TRP B 80 -4.45 -11.51 -11.23
C TRP B 80 -3.30 -10.52 -11.16
N ARG B 81 -2.34 -10.66 -12.06
CA ARG B 81 -1.14 -9.85 -11.87
CA ARG B 81 -1.13 -9.86 -11.90
C ARG B 81 -1.37 -8.39 -12.16
N ASN B 82 -2.52 -8.04 -12.76
CA ASN B 82 -2.83 -6.64 -13.03
C ASN B 82 -3.26 -5.91 -11.76
N THR B 83 -3.74 -6.69 -10.74
CA THR B 83 -4.21 -6.03 -9.52
C THR B 83 -3.53 -6.56 -8.25
N LEU B 84 -3.25 -7.86 -8.21
CA LEU B 84 -2.60 -8.52 -7.07
C LEU B 84 -3.28 -8.19 -5.74
N GLY B 85 -4.58 -8.45 -5.67
CA GLY B 85 -5.31 -8.23 -4.43
C GLY B 85 -5.37 -9.45 -3.54
N ILE B 86 -4.88 -9.31 -2.31
CA ILE B 86 -4.93 -10.34 -1.29
C ILE B 86 -5.80 -9.84 -0.14
N TYR B 87 -6.89 -10.55 0.15
CA TYR B 87 -7.88 -10.14 1.14
C TYR B 87 -7.87 -11.13 2.30
N GLN B 88 -7.29 -10.72 3.42
CA GLN B 88 -7.16 -11.57 4.59
C GLN B 88 -8.38 -11.39 5.48
N LEU B 89 -9.11 -12.43 5.82
CA LEU B 89 -10.26 -12.30 6.67
C LEU B 89 -9.91 -12.50 8.10
N ASP B 90 -10.46 -11.69 8.98
CA ASP B 90 -10.14 -11.82 10.39
C ASP B 90 -10.69 -13.06 10.96
N GLU B 91 -10.00 -13.69 11.88
CA GLU B 91 -10.52 -14.91 12.47
C GLU B 91 -11.88 -14.80 13.08
N GLU B 92 -12.09 -13.82 13.90
CA GLU B 92 -13.39 -13.68 14.54
C GLU B 92 -14.52 -13.44 13.57
N ILE B 93 -14.21 -13.40 12.28
CA ILE B 93 -15.23 -13.35 11.25
C ILE B 93 -15.30 -14.64 10.46
N ILE B 94 -14.15 -15.33 10.45
CA ILE B 94 -14.14 -16.57 9.70
C ILE B 94 -15.01 -17.64 10.35
N LYS B 95 -14.97 -17.74 11.68
CA LYS B 95 -15.74 -18.76 12.40
CA LYS B 95 -15.74 -18.83 12.27
C LYS B 95 -17.23 -18.60 12.17
N ASP B 96 -17.70 -17.35 12.10
CA ASP B 96 -19.13 -17.11 11.93
C ASP B 96 -19.58 -17.27 10.50
N CYS B 97 -18.62 -17.40 9.52
CA CYS B 97 -18.94 -17.74 8.14
C CYS B 97 -19.14 -19.24 8.10
N LYS B 98 -20.38 -19.67 8.29
CA LYS B 98 -20.73 -21.09 8.21
C LYS B 98 -21.08 -21.41 6.77
N GLU B 99 -22.24 -20.96 6.34
CA GLU B 99 -22.65 -20.91 4.94
C GLU B 99 -23.74 -19.86 4.79
N LEU B 100 -24.21 -19.71 3.57
CA LEU B 100 -25.09 -18.79 2.88
C LEU B 100 -26.48 -19.37 2.72
N PRO B 101 -27.47 -18.53 2.77
CA PRO B 101 -28.83 -18.93 2.53
C PRO B 101 -28.95 -19.54 1.15
N ASP B 102 -30.04 -20.42 1.02
CA ASP B 102 -30.12 -21.21 -0.21
C ASP B 102 -30.53 -20.37 -1.40
N ASP B 103 -31.44 -19.41 -1.24
CA ASP B 103 -31.91 -18.62 -2.37
C ASP B 103 -31.10 -17.34 -2.59
N THR B 104 -29.84 -17.30 -2.18
CA THR B 104 -29.00 -16.18 -2.57
C THR B 104 -28.77 -16.19 -4.07
N PRO B 105 -29.00 -15.08 -4.76
CA PRO B 105 -28.86 -15.07 -6.22
C PRO B 105 -27.40 -15.18 -6.62
N THR B 106 -27.17 -15.65 -7.85
CA THR B 106 -25.83 -15.61 -8.39
C THR B 106 -25.40 -14.18 -8.73
N SER B 107 -26.37 -13.28 -8.97
CA SER B 107 -26.06 -11.94 -9.46
C SER B 107 -25.10 -11.20 -8.52
N ILE B 108 -25.26 -11.46 -7.22
CA ILE B 108 -24.46 -10.70 -6.27
C ILE B 108 -22.98 -11.07 -6.35
N PHE B 109 -22.64 -12.22 -6.92
CA PHE B 109 -21.24 -12.57 -7.11
C PHE B 109 -20.68 -12.03 -8.42
N LEU B 110 -21.36 -11.06 -9.03
CA LEU B 110 -20.82 -10.31 -10.15
C LEU B 110 -20.18 -9.00 -9.71
N ASN B 111 -20.04 -8.81 -8.40
CA ASN B 111 -19.64 -7.53 -7.82
C ASN B 111 -18.22 -7.56 -7.25
N LEU B 112 -17.35 -8.39 -7.79
CA LEU B 112 -15.98 -8.41 -7.30
C LEU B 112 -15.27 -7.11 -7.70
N PRO B 113 -14.33 -6.64 -6.88
CA PRO B 113 -13.65 -5.38 -7.21
C PRO B 113 -12.78 -5.49 -8.46
N ASP B 114 -12.21 -6.65 -8.72
CA ASP B 114 -11.25 -6.84 -9.79
C ASP B 114 -11.64 -8.05 -10.62
N TRP B 115 -10.88 -8.31 -11.69
CA TRP B 115 -11.09 -9.54 -12.46
C TRP B 115 -10.84 -10.77 -11.61
N CYS B 116 -9.91 -10.69 -10.67
CA CYS B 116 -9.43 -11.83 -9.91
C CYS B 116 -8.98 -11.37 -8.52
N VAL B 117 -9.54 -11.98 -7.48
CA VAL B 117 -9.14 -11.70 -6.11
C VAL B 117 -8.60 -12.97 -5.47
N TYR B 118 -7.64 -12.81 -4.57
CA TYR B 118 -7.18 -13.93 -3.74
C TYR B 118 -7.69 -13.68 -2.33
N VAL B 119 -8.42 -14.65 -1.79
CA VAL B 119 -8.98 -14.58 -0.45
C VAL B 119 -8.15 -15.49 0.45
N ASP B 120 -7.65 -14.93 1.56
CA ASP B 120 -6.87 -15.65 2.54
C ASP B 120 -7.77 -16.03 3.71
N ILE B 121 -7.94 -17.34 3.91
CA ILE B 121 -8.82 -17.92 4.91
C ILE B 121 -8.11 -19.06 5.65
N SER B 122 -6.80 -18.94 5.86
CA SER B 122 -6.09 -20.03 6.54
C SER B 122 -6.56 -20.19 7.98
N SER B 123 -7.02 -19.11 8.61
CA SER B 123 -7.54 -19.17 9.96
C SER B 123 -8.88 -19.91 10.06
N ALA B 124 -9.43 -20.36 8.92
CA ALA B 124 -10.62 -21.21 8.95
C ALA B 124 -10.26 -22.66 9.23
N GLN B 125 -9.04 -23.05 9.04
CA GLN B 125 -8.64 -24.42 9.16
C GLN B 125 -9.46 -25.33 8.35
N ILE B 126 -9.89 -24.88 7.18
CA ILE B 126 -10.60 -25.76 6.26
C ILE B 126 -9.56 -26.54 5.48
N ALA B 127 -9.90 -27.76 5.09
CA ALA B 127 -8.99 -28.59 4.34
C ALA B 127 -9.71 -29.15 3.12
N THR B 128 -8.90 -29.58 2.16
CA THR B 128 -9.36 -30.16 0.92
C THR B 128 -8.90 -31.62 0.87
N PHE B 129 -9.79 -32.49 0.41
CA PHE B 129 -9.53 -33.93 0.40
C PHE B 129 -9.54 -34.46 -1.03
N ASP B 130 -8.48 -35.17 -1.39
CA ASP B 130 -8.43 -35.87 -2.68
C ASP B 130 -7.63 -37.15 -2.54
N ASP B 131 -8.31 -38.28 -2.73
CA ASP B 131 -7.73 -39.62 -2.70
C ASP B 131 -6.78 -39.80 -1.52
N GLY B 132 -7.32 -39.68 -0.33
CA GLY B 132 -6.51 -39.92 0.85
C GLY B 132 -5.46 -38.88 1.13
N VAL B 133 -5.40 -37.79 0.38
CA VAL B 133 -4.49 -36.69 0.63
C VAL B 133 -5.33 -35.51 1.13
N ALA B 134 -5.03 -35.06 2.35
CA ALA B 134 -5.71 -33.92 2.93
C ALA B 134 -4.73 -32.75 3.01
N LYS B 135 -5.16 -31.58 2.55
CA LYS B 135 -4.30 -30.42 2.47
C LYS B 135 -5.01 -29.20 3.05
N HIS B 136 -4.28 -28.41 3.82
CA HIS B 136 -4.86 -27.21 4.42
C HIS B 136 -5.04 -26.15 3.35
N ILE B 137 -6.25 -25.58 3.27
CA ILE B 137 -6.54 -24.53 2.31
C ILE B 137 -6.00 -23.21 2.85
N LYS B 138 -4.88 -22.74 2.28
CA LYS B 138 -4.40 -21.40 2.56
C LYS B 138 -5.38 -20.34 2.05
N GLY B 139 -5.81 -20.48 0.80
CA GLY B 139 -6.79 -19.53 0.30
C GLY B 139 -7.37 -19.96 -1.03
N PHE B 140 -8.04 -19.02 -1.69
CA PHE B 140 -8.54 -19.32 -3.02
C PHE B 140 -8.65 -18.06 -3.86
N TRP B 141 -8.46 -18.23 -5.16
CA TRP B 141 -8.70 -17.17 -6.14
C TRP B 141 -10.12 -17.29 -6.67
N ALA B 142 -10.82 -16.17 -6.71
CA ALA B 142 -12.08 -16.04 -7.46
C ALA B 142 -11.80 -15.16 -8.66
N ILE B 143 -12.00 -15.72 -9.86
CA ILE B 143 -11.63 -15.08 -11.11
C ILE B 143 -12.78 -15.22 -12.10
N TYR B 144 -13.03 -14.19 -12.90
CA TYR B 144 -14.14 -14.33 -13.83
C TYR B 144 -13.74 -15.06 -15.10
N ASP B 145 -14.75 -15.49 -15.83
CA ASP B 145 -14.61 -16.21 -17.08
C ASP B 145 -15.87 -15.98 -17.90
N ILE B 146 -15.70 -16.18 -19.18
CA ILE B 146 -16.73 -16.07 -20.14
C ILE B 146 -16.71 -17.40 -20.86
N VAL B 147 -17.70 -18.29 -20.85
CA VAL B 147 -17.61 -19.66 -21.33
C VAL B 147 -18.64 -19.87 -22.43
N GLU B 148 -18.25 -20.57 -23.50
CA GLU B 148 -19.15 -20.92 -24.59
C GLU B 148 -19.68 -22.34 -24.55
N MET B 149 -20.92 -22.45 -24.11
CA MET B 149 -21.64 -23.72 -24.06
C MET B 149 -22.28 -23.40 -25.34
N ASN B 150 -21.98 -24.20 -26.33
CA ASN B 150 -22.21 -23.78 -27.69
C ASN B 150 -23.43 -23.10 -28.13
N GLY B 151 -23.08 -21.96 -28.68
CA GLY B 151 -23.93 -20.95 -29.19
C GLY B 151 -24.17 -19.88 -28.18
N ILE B 152 -23.94 -20.25 -26.95
CA ILE B 152 -24.16 -19.33 -25.86
C ILE B 152 -22.96 -19.04 -25.03
N ASN B 153 -22.81 -17.76 -24.72
CA ASN B 153 -21.80 -17.19 -23.84
C ASN B 153 -22.36 -16.84 -22.45
N HIS B 154 -21.81 -17.49 -21.44
CA HIS B 154 -22.25 -17.21 -20.10
C HIS B 154 -21.16 -16.67 -19.23
N ASP B 155 -21.58 -15.97 -18.19
CA ASP B 155 -20.71 -15.38 -17.18
C ASP B 155 -20.45 -16.44 -16.11
N VAL B 156 -19.19 -16.85 -16.03
CA VAL B 156 -18.81 -17.90 -15.10
C VAL B 156 -17.83 -17.32 -14.08
N LEU B 157 -17.91 -17.79 -12.85
CA LEU B 157 -16.95 -17.44 -11.81
C LEU B 157 -16.15 -18.69 -11.47
N ASP B 158 -14.84 -18.62 -11.62
CA ASP B 158 -13.95 -19.73 -11.39
C ASP B 158 -13.28 -19.59 -10.02
N PHE B 159 -13.05 -20.74 -9.40
CA PHE B 159 -12.36 -20.80 -8.12
C PHE B 159 -11.12 -21.66 -8.28
N VAL B 160 -9.99 -21.16 -7.79
CA VAL B 160 -8.72 -21.88 -7.81
C VAL B 160 -8.25 -22.01 -6.37
N VAL B 161 -8.09 -23.24 -5.91
CA VAL B 161 -7.71 -23.50 -4.52
C VAL B 161 -6.20 -23.37 -4.39
N ASP B 162 -5.75 -22.68 -3.34
CA ASP B 162 -4.34 -22.51 -3.02
C ASP B 162 -4.07 -23.23 -1.70
N THR B 163 -3.32 -24.32 -1.78
CA THR B 163 -2.84 -25.06 -0.64
C THR B 163 -1.33 -24.92 -0.45
N ASP B 164 -0.71 -23.95 -1.13
CA ASP B 164 0.71 -23.64 -1.01
C ASP B 164 1.58 -24.89 -1.08
N THR B 165 1.52 -25.58 -2.23
CA THR B 165 2.27 -26.81 -2.41
C THR B 165 2.64 -27.01 -3.87
N ASP B 166 3.80 -27.64 -4.08
CA ASP B 166 4.39 -27.81 -5.41
C ASP B 166 3.43 -28.49 -6.38
N ASP B 167 2.55 -29.34 -5.88
CA ASP B 167 1.56 -30.02 -6.72
C ASP B 167 0.14 -29.55 -6.43
N ASN B 168 -0.01 -28.27 -6.09
CA ASN B 168 -1.36 -27.71 -5.94
C ASN B 168 -2.13 -27.86 -7.26
N VAL B 169 -3.41 -28.16 -7.14
CA VAL B 169 -4.28 -28.28 -8.30
C VAL B 169 -4.91 -26.91 -8.57
N TYR B 170 -4.43 -26.25 -9.61
CA TYR B 170 -4.89 -24.91 -9.99
C TYR B 170 -6.05 -24.95 -10.97
N VAL B 171 -6.53 -26.12 -11.36
CA VAL B 171 -7.58 -26.22 -12.36
C VAL B 171 -8.84 -25.50 -11.86
N PRO B 172 -9.32 -24.50 -12.60
CA PRO B 172 -10.45 -23.70 -12.09
C PRO B 172 -11.70 -24.55 -11.91
N GLN B 173 -12.58 -24.08 -11.03
CA GLN B 173 -13.88 -24.69 -10.80
C GLN B 173 -14.95 -23.68 -11.16
N PRO B 174 -15.80 -23.97 -12.16
CA PRO B 174 -16.77 -22.99 -12.65
C PRO B 174 -18.06 -22.95 -11.85
N PHE B 175 -18.63 -21.74 -11.80
CA PHE B 175 -19.88 -21.46 -11.09
C PHE B 175 -20.63 -20.46 -11.94
N ILE B 176 -21.72 -20.83 -12.56
CA ILE B 176 -22.44 -19.94 -13.44
C ILE B 176 -23.30 -18.85 -12.83
N LEU B 177 -23.00 -17.61 -13.19
CA LEU B 177 -23.63 -16.39 -12.73
C LEU B 177 -24.67 -15.87 -13.71
N SER B 178 -24.51 -16.21 -14.99
CA SER B 178 -25.32 -15.66 -16.07
C SER B 178 -26.79 -16.02 -15.93
N SER B 179 -27.11 -17.11 -15.25
CA SER B 179 -28.49 -17.50 -15.05
C SER B 179 -29.12 -16.63 -13.97
N GLY B 180 -30.46 -16.57 -13.98
CA GLY B 180 -31.16 -15.90 -12.91
C GLY B 180 -31.25 -16.71 -11.63
N GLN B 181 -30.71 -17.92 -11.64
CA GLN B 181 -30.91 -18.86 -10.55
C GLN B 181 -30.09 -18.46 -9.32
N SER B 182 -30.61 -18.91 -8.21
CA SER B 182 -29.91 -18.72 -6.96
C SER B 182 -28.81 -19.78 -6.80
N VAL B 183 -27.99 -19.60 -5.76
CA VAL B 183 -26.96 -20.59 -5.41
C VAL B 183 -27.53 -22.00 -5.35
N ALA B 184 -28.53 -22.21 -4.48
CA ALA B 184 -29.07 -23.55 -4.24
C ALA B 184 -29.49 -24.24 -5.52
N GLU B 185 -30.22 -23.53 -6.35
CA GLU B 185 -30.44 -23.91 -7.74
C GLU B 185 -29.23 -24.46 -8.46
N VAL B 186 -28.17 -23.68 -8.54
CA VAL B 186 -27.11 -23.98 -9.46
C VAL B 186 -26.34 -25.19 -8.97
N LEU B 187 -25.81 -25.13 -7.75
CA LEU B 187 -24.80 -26.12 -7.37
C LEU B 187 -25.27 -27.16 -6.37
N ASP B 188 -26.43 -26.96 -5.73
CA ASP B 188 -26.98 -28.02 -4.89
C ASP B 188 -27.81 -29.02 -5.71
N TYR B 189 -28.79 -28.56 -6.46
CA TYR B 189 -29.67 -29.40 -7.25
C TYR B 189 -29.33 -29.73 -8.69
N GLY B 190 -28.07 -29.59 -9.04
CA GLY B 190 -27.56 -29.92 -10.36
C GLY B 190 -28.19 -29.21 -11.58
N ALA B 191 -28.63 -27.97 -11.40
CA ALA B 191 -29.33 -27.26 -12.47
C ALA B 191 -28.42 -26.54 -13.44
N SER B 192 -27.13 -26.61 -13.21
CA SER B 192 -26.16 -25.93 -14.04
C SER B 192 -25.74 -26.74 -15.25
N LEU B 193 -24.66 -26.37 -15.88
CA LEU B 193 -24.23 -27.09 -17.03
C LEU B 193 -22.99 -27.85 -16.64
N PHE B 194 -22.50 -27.48 -15.48
CA PHE B 194 -21.33 -27.99 -14.81
C PHE B 194 -21.98 -28.79 -13.72
N ASP B 195 -21.77 -30.07 -13.74
CA ASP B 195 -22.48 -30.87 -12.80
C ASP B 195 -21.56 -31.69 -12.03
N ASP B 196 -20.26 -31.38 -12.04
CA ASP B 196 -19.40 -32.28 -11.32
C ASP B 196 -19.70 -32.53 -9.86
N ASP B 197 -20.56 -31.75 -9.19
CA ASP B 197 -20.89 -31.98 -7.74
C ASP B 197 -19.82 -31.90 -6.66
N THR B 198 -18.71 -32.61 -6.83
CA THR B 198 -17.65 -32.52 -5.84
C THR B 198 -17.16 -31.07 -5.90
N SER B 199 -17.06 -30.58 -7.13
CA SER B 199 -16.66 -29.22 -7.41
C SER B 199 -17.69 -28.24 -6.86
N ASN B 200 -18.96 -28.60 -7.01
CA ASN B 200 -20.05 -27.75 -6.55
C ASN B 200 -20.08 -27.59 -5.04
N THR B 201 -19.88 -28.67 -4.29
CA THR B 201 -19.91 -28.55 -2.85
C THR B 201 -18.76 -27.73 -2.39
N LEU B 202 -17.65 -27.83 -3.08
CA LEU B 202 -16.47 -27.04 -2.76
C LEU B 202 -16.75 -25.55 -2.94
N ILE B 203 -17.38 -25.18 -4.05
CA ILE B 203 -17.71 -23.78 -4.29
C ILE B 203 -18.72 -23.29 -3.25
N LYS B 204 -19.67 -24.14 -2.87
CA LYS B 204 -20.60 -23.79 -1.81
C LYS B 204 -19.87 -23.51 -0.51
N GLY B 205 -18.81 -24.28 -0.24
CA GLY B 205 -18.01 -24.04 0.95
C GLY B 205 -17.24 -22.74 0.88
N LEU B 206 -16.83 -22.32 -0.33
CA LEU B 206 -16.01 -21.12 -0.43
C LEU B 206 -16.81 -19.82 -0.52
N LEU B 207 -18.05 -19.86 -1.01
CA LEU B 207 -18.83 -18.62 -1.14
C LEU B 207 -18.96 -17.79 0.14
N PRO B 208 -19.10 -18.37 1.35
CA PRO B 208 -19.27 -17.52 2.54
C PRO B 208 -18.13 -16.54 2.77
N TYR B 209 -16.91 -16.93 2.44
CA TYR B 209 -15.78 -16.01 2.58
C TYR B 209 -15.74 -15.00 1.45
N LEU B 210 -16.05 -15.43 0.23
CA LEU B 210 -16.02 -14.54 -0.93
C LEU B 210 -17.12 -13.49 -0.89
N LEU B 211 -18.16 -13.68 -0.07
CA LEU B 211 -19.26 -12.72 -0.10
C LEU B 211 -18.83 -11.32 0.34
N TRP B 212 -17.79 -11.22 1.17
CA TRP B 212 -17.40 -9.93 1.72
C TRP B 212 -17.04 -8.92 0.64
N LEU B 213 -16.47 -9.38 -0.46
CA LEU B 213 -16.07 -8.51 -1.56
C LEU B 213 -17.23 -8.11 -2.45
N CYS B 214 -18.41 -8.70 -2.25
CA CYS B 214 -19.58 -8.41 -3.08
C CYS B 214 -20.62 -7.58 -2.34
N VAL B 215 -20.38 -7.18 -1.14
CA VAL B 215 -21.35 -6.43 -0.37
C VAL B 215 -21.25 -4.93 -0.64
N ALA B 216 -22.31 -4.19 -0.48
CA ALA B 216 -22.30 -2.79 -0.70
C ALA B 216 -21.39 -2.03 0.22
N GLU B 217 -21.29 -2.41 1.46
CA GLU B 217 -20.43 -1.67 2.36
C GLU B 217 -19.52 -2.58 3.11
N PRO B 218 -18.43 -3.00 2.38
CA PRO B 218 -17.50 -3.99 2.92
C PRO B 218 -16.71 -3.44 4.10
N ASP B 219 -16.23 -4.34 4.94
CA ASP B 219 -15.33 -3.97 6.04
C ASP B 219 -13.88 -4.21 5.61
N ILE B 220 -13.45 -3.43 4.67
CA ILE B 220 -12.10 -3.55 4.18
C ILE B 220 -11.23 -2.42 4.63
N THR B 221 -10.09 -2.75 5.14
CA THR B 221 -9.07 -1.77 5.51
C THR B 221 -7.77 -2.08 4.77
N TYR B 222 -7.15 -1.04 4.23
CA TYR B 222 -5.81 -1.13 3.66
C TYR B 222 -4.84 -0.46 4.63
N LYS B 223 -4.02 -1.25 5.24
CA LYS B 223 -3.00 -0.79 6.18
C LYS B 223 -3.58 -0.13 7.42
N GLY B 224 -4.78 -0.54 7.81
CA GLY B 224 -5.42 -0.05 9.01
C GLY B 224 -6.37 1.11 8.80
N LEU B 225 -6.69 1.44 7.55
CA LEU B 225 -7.51 2.61 7.27
C LEU B 225 -8.67 2.18 6.39
N PRO B 226 -9.87 2.73 6.60
CA PRO B 226 -11.04 2.23 5.89
C PRO B 226 -10.91 2.42 4.39
N VAL B 227 -11.41 1.52 3.66
CA VAL B 227 -11.44 1.60 2.21
C VAL B 227 -12.90 1.58 1.79
N SER B 228 -13.31 2.64 1.09
CA SER B 228 -14.67 2.63 0.58
C SER B 228 -14.74 1.69 -0.61
N ARG B 229 -15.95 1.26 -0.92
CA ARG B 229 -16.14 0.36 -2.05
C ARG B 229 -15.95 1.06 -3.40
N GLU B 230 -16.13 2.39 -3.47
CA GLU B 230 -15.79 3.09 -4.69
C GLU B 230 -14.30 2.99 -4.99
N GLU B 231 -13.45 3.31 -4.02
CA GLU B 231 -12.02 3.31 -4.28
C GLU B 231 -11.42 1.91 -4.28
N LEU B 232 -12.16 0.91 -3.79
CA LEU B 232 -11.75 -0.48 -3.97
C LEU B 232 -11.75 -0.87 -5.44
N THR B 233 -12.83 -0.51 -6.13
CA THR B 233 -13.00 -0.84 -7.53
C THR B 233 -12.18 0.04 -8.47
N ARG B 234 -11.44 0.98 -7.89
CA ARG B 234 -10.62 1.86 -8.70
C ARG B 234 -9.56 1.03 -9.40
N PRO B 235 -9.29 1.33 -10.67
CA PRO B 235 -8.29 0.52 -11.38
C PRO B 235 -6.91 0.69 -10.80
N LYS B 236 -6.18 -0.41 -10.64
CA LYS B 236 -4.83 -0.34 -10.14
C LYS B 236 -3.85 -0.37 -11.29
N HIS B 237 -4.15 -1.18 -12.28
CA HIS B 237 -3.28 -1.33 -13.44
C HIS B 237 -3.28 -0.09 -14.30
N SER B 238 -2.15 0.15 -14.94
CA SER B 238 -2.03 1.30 -15.81
C SER B 238 -1.73 0.83 -17.22
N ILE B 239 -2.46 1.39 -18.18
CA ILE B 239 -2.23 1.08 -19.60
C ILE B 239 -1.45 2.22 -20.22
N ASN B 240 -0.38 1.89 -20.92
CA ASN B 240 0.42 2.88 -21.64
C ASN B 240 -0.33 3.29 -22.87
N LYS B 241 -0.53 4.58 -23.06
CA LYS B 241 -1.25 5.15 -24.15
C LYS B 241 -0.70 5.06 -25.58
N LYS B 242 0.61 5.11 -25.75
CA LYS B 242 1.24 5.02 -27.05
C LYS B 242 1.56 3.65 -27.46
N THR B 243 2.07 2.89 -26.51
CA THR B 243 2.46 1.52 -26.71
C THR B 243 1.39 0.47 -26.45
N GLY B 244 0.44 0.73 -25.59
CA GLY B 244 -0.54 -0.26 -25.29
C GLY B 244 -0.15 -1.27 -24.25
N ALA B 245 1.05 -1.20 -23.72
CA ALA B 245 1.51 -2.15 -22.71
C ALA B 245 0.83 -1.87 -21.37
N PHE B 246 0.84 -2.88 -20.51
CA PHE B 246 0.31 -2.78 -19.17
C PHE B 246 1.42 -2.42 -18.19
N VAL B 247 1.06 -1.69 -17.14
CA VAL B 247 1.93 -1.47 -15.99
C VAL B 247 1.25 -2.11 -14.79
N THR B 248 1.94 -3.07 -14.17
CA THR B 248 1.35 -3.93 -13.16
C THR B 248 2.02 -3.71 -11.80
N PRO B 249 1.28 -3.94 -10.71
CA PRO B 249 1.87 -3.76 -9.37
C PRO B 249 3.07 -4.67 -9.15
N SER B 250 4.07 -4.16 -8.45
CA SER B 250 5.26 -4.94 -8.16
C SER B 250 5.08 -5.76 -6.90
N GLU B 251 4.17 -5.30 -6.05
CA GLU B 251 3.85 -5.97 -4.81
C GLU B 251 2.34 -6.06 -4.69
N PRO B 252 1.86 -7.10 -4.01
CA PRO B 252 0.43 -7.30 -3.80
C PRO B 252 -0.15 -6.28 -2.83
N PHE B 253 -1.42 -5.93 -3.02
CA PHE B 253 -2.07 -5.02 -2.11
C PHE B 253 -2.79 -5.94 -1.14
N ILE B 254 -2.30 -5.98 0.09
CA ILE B 254 -2.88 -6.85 1.11
C ILE B 254 -3.87 -6.11 1.98
N TYR B 255 -5.13 -6.51 1.88
CA TYR B 255 -6.19 -5.89 2.65
C TYR B 255 -6.54 -6.77 3.86
N GLN B 256 -7.37 -6.22 4.75
CA GLN B 256 -8.00 -6.98 5.81
C GLN B 256 -9.51 -6.80 5.76
N ILE B 257 -10.24 -7.88 5.94
CA ILE B 257 -11.70 -7.86 5.91
C ILE B 257 -12.23 -8.14 7.31
N GLY B 258 -13.21 -7.33 7.73
CA GLY B 258 -13.82 -7.49 9.03
C GLY B 258 -12.83 -7.36 10.15
N GLU B 259 -11.98 -6.33 10.09
CA GLU B 259 -10.96 -6.17 11.12
C GLU B 259 -11.52 -5.45 12.34
N ARG B 260 -12.28 -4.37 12.12
CA ARG B 260 -12.89 -3.70 13.26
C ARG B 260 -13.89 -4.60 13.97
N LEU B 261 -14.60 -5.44 13.22
CA LEU B 261 -15.54 -6.37 13.86
C LEU B 261 -14.79 -7.35 14.76
N GLY B 262 -13.75 -7.99 14.22
CA GLY B 262 -12.96 -8.91 15.04
C GLY B 262 -12.27 -8.25 16.20
N SER B 263 -11.90 -6.97 16.06
CA SER B 263 -11.29 -6.25 17.17
C SER B 263 -12.30 -5.96 18.28
N GLU B 264 -13.53 -5.61 17.90
CA GLU B 264 -14.59 -5.44 18.90
C GLU B 264 -14.88 -6.76 19.62
N VAL B 265 -14.97 -7.85 18.89
CA VAL B 265 -15.19 -9.12 19.51
C VAL B 265 -14.04 -9.41 20.41
N ARG B 266 -12.86 -9.03 20.04
CA ARG B 266 -11.73 -9.31 20.89
C ARG B 266 -11.87 -8.61 22.22
N ARG B 267 -12.30 -7.36 22.23
CA ARG B 267 -12.55 -6.65 23.48
C ARG B 267 -13.70 -7.22 24.25
N TYR B 268 -14.73 -7.71 23.59
CA TYR B 268 -15.81 -8.35 24.30
C TYR B 268 -15.27 -9.54 25.03
N GLN B 269 -14.48 -10.39 24.46
CA GLN B 269 -13.90 -11.53 25.17
C GLN B 269 -12.92 -11.08 26.24
N SER B 270 -12.26 -9.93 26.03
CA SER B 270 -11.38 -9.39 27.07
C SER B 270 -12.17 -8.99 28.31
N ILE B 271 -13.34 -8.37 28.13
CA ILE B 271 -14.23 -8.12 29.26
C ILE B 271 -14.64 -9.41 29.94
N ILE B 272 -14.96 -10.45 29.16
CA ILE B 272 -15.38 -11.71 29.79
C ILE B 272 -14.24 -12.30 30.63
N ASP B 273 -13.02 -12.29 30.07
CA ASP B 273 -11.85 -12.77 30.79
C ASP B 273 -11.59 -11.94 32.03
N GLY B 274 -11.75 -10.61 31.92
CA GLY B 274 -11.62 -9.75 33.08
C GLY B 274 -12.66 -10.01 34.15
N GLU B 275 -13.86 -10.44 33.76
CA GLU B 275 -14.80 -10.86 34.79
C GLU B 275 -14.35 -12.18 35.43
N GLN B 276 -13.68 -13.05 34.67
CA GLN B 276 -13.10 -14.24 35.31
C GLN B 276 -11.66 -14.06 35.78
N LYS B 277 -11.24 -12.85 36.10
CA LYS B 277 -10.07 -12.63 36.96
C LYS B 277 -10.47 -12.03 38.29
N ARG B 278 -11.26 -10.98 38.22
CA ARG B 278 -11.89 -10.40 39.41
C ARG B 278 -12.96 -11.31 40.00
N ASN B 279 -13.80 -11.91 39.15
CA ASN B 279 -14.63 -13.07 39.52
C ASN B 279 -15.60 -12.76 40.66
N ARG B 280 -16.29 -11.62 40.57
CA ARG B 280 -17.33 -11.30 41.53
C ARG B 280 -18.55 -12.20 41.31
N PRO B 281 -19.35 -12.44 42.35
CA PRO B 281 -20.53 -13.30 42.18
C PRO B 281 -21.70 -12.59 41.52
N PRO B 286 -23.13 -12.80 30.49
CA PRO B 286 -22.01 -12.17 29.78
C PRO B 286 -21.38 -13.12 28.80
N HIS B 287 -21.85 -13.09 27.58
CA HIS B 287 -21.38 -13.93 26.53
C HIS B 287 -21.46 -13.20 25.17
N ILE B 288 -20.83 -13.72 24.14
CA ILE B 288 -20.88 -13.10 22.83
C ILE B 288 -21.89 -13.86 21.96
N ARG B 289 -22.84 -13.16 21.41
CA ARG B 289 -23.75 -13.75 20.48
C ARG B 289 -23.00 -13.66 19.15
N ARG B 290 -22.69 -14.79 18.53
CA ARG B 290 -21.94 -14.87 17.29
C ARG B 290 -22.67 -14.15 16.17
N GLY B 291 -21.88 -13.53 15.28
CA GLY B 291 -22.42 -12.94 14.08
C GLY B 291 -22.68 -14.01 13.04
N HIS B 292 -23.26 -13.58 11.93
CA HIS B 292 -23.64 -14.52 10.89
C HIS B 292 -24.08 -13.74 9.65
N TRP B 293 -23.97 -14.41 8.49
CA TRP B 293 -24.61 -13.88 7.30
C TRP B 293 -26.13 -14.01 7.42
N HIS B 294 -26.83 -13.05 6.83
CA HIS B 294 -28.27 -12.93 7.04
C HIS B 294 -28.90 -12.40 5.75
N GLY B 295 -29.71 -13.22 5.09
CA GLY B 295 -30.30 -12.85 3.82
C GLY B 295 -31.81 -12.90 3.77
N TYR B 296 -32.43 -11.80 3.32
CA TYR B 296 -33.88 -11.65 3.31
C TYR B 296 -34.30 -11.00 2.00
N TRP B 297 -35.60 -11.04 1.75
CA TRP B 297 -36.12 -10.38 0.56
C TRP B 297 -36.71 -9.01 0.84
N GLN B 298 -36.05 -7.98 0.30
CA GLN B 298 -36.58 -6.63 0.39
C GLN B 298 -37.84 -6.69 -0.43
N GLY B 299 -37.77 -7.28 -1.64
CA GLY B 299 -38.97 -7.56 -2.39
C GLY B 299 -40.01 -6.51 -2.56
N THR B 300 -39.65 -5.37 -3.14
CA THR B 300 -40.57 -4.28 -3.40
C THR B 300 -40.30 -3.66 -4.76
N GLY B 301 -41.29 -2.94 -5.28
CA GLY B 301 -41.20 -2.24 -6.57
C GLY B 301 -41.33 -3.12 -7.79
N GLN B 302 -41.78 -4.34 -7.55
CA GLN B 302 -41.94 -5.42 -8.54
C GLN B 302 -40.63 -5.79 -9.22
N ALA B 303 -39.57 -5.82 -8.43
CA ALA B 303 -38.25 -6.23 -8.86
C ALA B 303 -37.83 -7.17 -7.76
N LYS B 304 -37.35 -8.37 -8.04
CA LYS B 304 -36.94 -9.23 -6.94
C LYS B 304 -35.70 -8.72 -6.21
N GLU B 305 -35.77 -8.80 -4.90
CA GLU B 305 -34.67 -8.36 -4.10
C GLU B 305 -34.40 -9.45 -3.10
N PHE B 306 -33.14 -9.79 -2.89
CA PHE B 306 -32.77 -10.79 -1.93
C PHE B 306 -31.56 -10.27 -1.22
N ARG B 307 -31.73 -9.30 -0.36
CA ARG B 307 -30.56 -8.78 0.32
C ARG B 307 -29.99 -9.78 1.33
N VAL B 308 -28.66 -9.73 1.50
CA VAL B 308 -27.93 -10.51 2.47
C VAL B 308 -26.93 -9.62 3.10
N ARG B 309 -26.86 -9.58 4.41
CA ARG B 309 -25.94 -8.71 5.11
C ARG B 309 -25.33 -9.41 6.30
N TRP B 310 -24.29 -8.86 6.87
CA TRP B 310 -23.66 -9.46 8.02
C TRP B 310 -24.27 -8.88 9.21
N GLN B 311 -24.73 -9.76 10.09
CA GLN B 311 -25.25 -9.33 11.33
C GLN B 311 -24.12 -9.68 12.22
N PRO B 312 -23.63 -8.70 12.91
CA PRO B 312 -22.52 -8.62 13.83
C PRO B 312 -22.67 -9.25 15.19
N ALA B 313 -21.57 -9.41 15.90
CA ALA B 313 -21.56 -9.96 17.22
C ALA B 313 -22.08 -8.94 18.17
N VAL B 314 -22.78 -9.41 19.22
CA VAL B 314 -23.39 -8.55 20.24
C VAL B 314 -22.91 -8.87 21.62
N PHE B 315 -22.57 -7.87 22.41
CA PHE B 315 -22.12 -8.14 23.76
C PHE B 315 -23.32 -8.21 24.59
N VAL B 316 -23.37 -9.18 25.47
CA VAL B 316 -24.51 -9.34 26.34
C VAL B 316 -24.10 -9.22 27.80
N ASN B 317 -24.71 -8.30 28.54
CA ASN B 317 -24.35 -8.14 29.92
C ASN B 317 -25.22 -8.99 30.82
N TYR C 7 36.82 -0.04 3.24
CA TYR C 7 35.60 0.07 2.49
C TYR C 7 35.83 1.38 1.81
N GLN C 8 36.07 1.36 0.51
CA GLN C 8 36.37 2.57 -0.25
C GLN C 8 35.22 3.19 -1.04
N LYS C 9 34.15 2.45 -1.27
CA LYS C 9 33.00 3.01 -1.96
C LYS C 9 32.18 3.55 -0.81
N MET C 10 32.12 4.87 -0.69
CA MET C 10 31.44 5.48 0.44
C MET C 10 31.05 6.94 0.21
N ILE C 11 30.77 7.61 1.32
CA ILE C 11 30.35 9.00 1.40
C ILE C 11 31.38 9.96 0.79
N TYR C 12 30.91 10.93 0.01
CA TYR C 12 31.79 11.91 -0.62
C TYR C 12 31.30 13.33 -0.33
N LYS C 13 30.14 13.43 0.28
CA LYS C 13 29.59 14.74 0.62
C LYS C 13 29.35 14.86 2.11
N LEU C 14 29.73 16.00 2.66
CA LEU C 14 29.55 16.27 4.08
C LEU C 14 28.69 17.51 4.27
N LEU C 15 27.75 17.42 5.20
CA LEU C 15 26.91 18.53 5.55
C LEU C 15 27.11 18.76 7.03
N PRO C 16 26.99 19.99 7.44
CA PRO C 16 27.18 20.26 8.84
C PRO C 16 26.11 19.65 9.69
N GLY C 17 26.49 18.90 10.71
CA GLY C 17 25.55 18.27 11.61
C GLY C 17 24.64 19.28 12.29
N PRO C 18 23.38 18.92 12.48
CA PRO C 18 22.44 19.85 13.10
C PRO C 18 22.82 20.14 14.55
N ASN C 19 22.56 21.37 14.97
CA ASN C 19 22.73 21.73 16.37
C ASN C 19 21.69 21.07 17.27
N LYS C 20 22.08 20.91 18.53
CA LYS C 20 21.34 20.19 19.55
C LYS C 20 20.60 21.14 20.49
N MET C 21 20.36 22.33 19.98
CA MET C 21 19.63 23.39 20.61
C MET C 21 18.71 24.00 19.62
N LEU C 22 17.74 24.72 20.08
CA LEU C 22 16.81 25.36 19.22
C LEU C 22 17.13 26.81 19.34
N PRO C 23 16.98 27.54 18.29
CA PRO C 23 17.26 28.95 18.30
C PRO C 23 16.38 29.71 19.25
N LYS C 24 16.93 30.80 19.79
CA LYS C 24 16.24 31.60 20.77
C LYS C 24 14.93 32.06 20.25
N VAL C 25 13.95 31.56 21.01
CA VAL C 25 12.48 31.53 20.92
C VAL C 25 12.22 30.05 21.27
N TYR D 7 0.74 -31.78 15.88
CA TYR D 7 -0.13 -30.97 16.71
C TYR D 7 -1.47 -31.64 16.85
N GLN D 8 -2.26 -31.25 17.85
CA GLN D 8 -3.58 -31.86 18.08
C GLN D 8 -4.85 -31.03 17.99
N LYS D 9 -4.78 -29.71 17.95
CA LYS D 9 -5.96 -28.87 17.71
C LYS D 9 -5.68 -28.27 16.40
N MET D 10 -6.40 -28.70 15.37
CA MET D 10 -6.12 -28.26 14.02
C MET D 10 -7.33 -27.98 13.13
N ILE D 11 -7.50 -28.82 12.10
CA ILE D 11 -8.54 -28.68 11.09
C ILE D 11 -9.79 -29.51 11.36
N TYR D 12 -10.95 -28.91 11.23
CA TYR D 12 -12.22 -29.60 11.47
C TYR D 12 -13.19 -29.65 10.29
N LYS D 13 -12.78 -29.08 9.16
CA LYS D 13 -13.63 -29.07 7.98
C LYS D 13 -12.90 -29.64 6.79
N LEU D 14 -13.59 -30.49 6.06
CA LEU D 14 -13.05 -31.08 4.87
C LEU D 14 -13.96 -30.71 3.72
N LEU D 15 -13.37 -30.23 2.64
CA LEU D 15 -14.12 -29.88 1.46
C LEU D 15 -13.58 -30.76 0.36
N PRO D 16 -14.47 -31.25 -0.51
CA PRO D 16 -14.01 -32.13 -1.60
C PRO D 16 -12.97 -31.42 -2.46
N GLY D 17 -11.89 -32.13 -2.75
CA GLY D 17 -10.81 -31.61 -3.56
C GLY D 17 -11.25 -31.23 -4.96
N PRO D 18 -10.52 -30.32 -5.59
CA PRO D 18 -10.89 -29.88 -6.94
C PRO D 18 -10.60 -30.95 -7.98
N ASN D 19 -11.32 -30.85 -9.10
CA ASN D 19 -10.99 -31.66 -10.26
C ASN D 19 -9.57 -31.32 -10.75
N LYS D 20 -8.91 -32.32 -11.33
CA LYS D 20 -7.68 -32.09 -12.09
C LYS D 20 -7.97 -31.93 -13.57
N MET D 21 -9.18 -31.47 -13.89
CA MET D 21 -9.79 -31.57 -15.21
C MET D 21 -11.01 -30.68 -15.29
N LEU D 22 -11.23 -30.16 -16.48
CA LEU D 22 -12.34 -29.30 -16.70
C LEU D 22 -13.40 -30.07 -17.34
N PRO D 23 -14.64 -29.81 -16.98
CA PRO D 23 -15.80 -30.46 -17.53
C PRO D 23 -15.87 -30.14 -18.99
N LYS D 24 -16.24 -31.11 -19.83
CA LYS D 24 -16.21 -30.91 -21.26
C LYS D 24 -16.99 -29.74 -21.71
N VAL D 25 -16.19 -28.87 -22.33
CA VAL D 25 -16.38 -27.53 -22.93
C VAL D 25 -15.05 -26.81 -22.76
#